data_5VLP
#
_entry.id   5VLP
#
_cell.length_a   110.865
_cell.length_b   142.168
_cell.length_c   239.365
_cell.angle_alpha   90.00
_cell.angle_beta   90.00
_cell.angle_gamma   90.00
#
_symmetry.space_group_name_H-M   'I 2 2 2'
#
loop_
_entity.id
_entity.type
_entity.pdbx_description
1 polymer 'Proprotein convertase subtilisin/kexin type 9'
2 polymer 'Fab7G7 heavy chain'
3 polymer 'Fab7G7 light chain'
4 polymer 'LDLR antagonist peptide'
5 non-polymer 'SODIUM ION'
6 water water
#
loop_
_entity_poly.entity_id
_entity_poly.type
_entity_poly.pdbx_seq_one_letter_code
_entity_poly.pdbx_strand_id
1 'polypeptide(L)'
;MGTVSSRRSWWPLPLLLLLLLLLGPAGARAQEDEDGDYEELVLALRSEEDGLAEAPEHGTTATFHRCAKDPWRLPGTYVV
VLKEETHLSQSERTARRLQAQAARRGYLTKILHVFHGLLPGFLVKMSGDLLELALKLPHVDYIEEDSSVFAQSIPWNLER
ITPPRYRADEYQPPDGGSLVEVYLLDTSIQSDHREIEGRVMVTDFENVPEEDGTRFHRQASKCDSHGTHLAGVVSGRDAG
VAKGASMRSLRVLNCQGKGTVSGTLIGLEFIRKSQLVQPVGPLVVLLPLAGGYSRVLNAACQRLARAGVVLVTAAGNFRD
DACLYSPASAPEVITVGATNAQDQPVTLGTLGTNFGRCVDLFAPGEDIIGASSDCSTCFVSQSGTSQAAAHVAGIAAMML
SAEPELTLAELRQRLIHFSAKDVINEAWFPEDQRVLTPNLVAALPPSTHGAGWQLFCRTVWSAHSGPTRMATAIARCAPD
EELLSCSSFSRSGKRRGERMEAQGGKLVCRAHNAFGGEGVYAIARCCLLPQANCSVHTAPPAEASMGTRVHCHQQGHVLT
GCSSHWEVEDLGTHKPPVLRPRGQPNQCVGHREASIHASCCHAPGLECKVKEHGIPAPQEQVTVACEEGWTLTGCSALPG
TSHVLGAYAVDNTCVVRSRDVSTTGSTSEEAVTAVAICCRSRHLAQASQELQHHHHHHHH
;
A
2 'polypeptide(L)'
;QVQLKQSGAELVRPGASVKLSCKASGYIFTDYYINWLKKRPGQGLEWIARIYPGSGHTYYNENFKDKATLTAEKSSSNVY
MQLSSLTSEDSAVYFCARENFYGSSYVDWYFDVWGTGTTVTVSSAKTTPPSVYPLAPGCGDTTGSSVTLGCLVKGYFPES
VTVTWNSGSLSSSVHTFPALLQSGLYTMSSSVTVPSSTWPSQTVTCSVAHPASSTTVDKKLEP
;
H
3 'polypeptide(L)'
;DIVMTQSQKFMSTSGGDRVSITCKTSQNVGTAVAWFQQKPGQSPKLLIYSASNRYTGVSDRFTGSGSGTEFIFTISYAQS
EDLADYFCHQYSSYPLTFGAGTKLELKRADAAPTVSIFPPSSEQLTSGGASVVCFLNNFYPKDINVKWKIDGSERQNGVL
NSWTDQDSKDSTYSMSSTLTLTKDEYERHNSYTCEATHKTSTSPIVKSFNRNEC
;
L
4 'polypeptide(L)' (ACE)MESFPGWNLV(HRG)IGLLR Z
#
loop_
_chem_comp.id
_chem_comp.type
_chem_comp.name
_chem_comp.formula
ACE non-polymer 'ACETYL GROUP' 'C2 H4 O'
NA non-polymer 'SODIUM ION' 'Na 1'
#
# COMPACT_ATOMS: atom_id res chain seq x y z
N THR A 61 19.34 14.94 11.65
CA THR A 61 19.21 13.62 11.01
C THR A 61 20.54 13.19 10.36
N ALA A 62 21.64 13.95 10.60
CA ALA A 62 22.99 13.59 10.09
C ALA A 62 23.60 12.63 11.12
N THR A 63 23.91 11.41 10.66
CA THR A 63 24.41 10.35 11.54
C THR A 63 25.88 9.99 11.24
N PHE A 64 26.57 9.48 12.29
CA PHE A 64 27.97 9.06 12.25
C PHE A 64 28.03 7.54 12.36
N HIS A 65 28.79 6.93 11.47
CA HIS A 65 28.94 5.48 11.39
C HIS A 65 30.40 5.07 11.47
N ARG A 66 30.66 4.01 12.23
CA ARG A 66 31.99 3.45 12.45
C ARG A 66 31.92 1.91 12.52
N CYS A 67 33.01 1.22 12.20
CA CYS A 67 33.03 -0.23 12.21
C CYS A 67 32.73 -0.82 13.59
N ALA A 68 31.90 -1.89 13.63
CA ALA A 68 31.51 -2.59 14.86
C ALA A 68 32.74 -3.28 15.48
N LYS A 69 33.60 -3.84 14.61
CA LYS A 69 34.86 -4.51 14.94
C LYS A 69 35.98 -3.45 15.08
N ASP A 70 36.22 -3.07 16.35
CA ASP A 70 37.18 -2.04 16.74
C ASP A 70 38.58 -2.18 16.08
N PRO A 71 39.25 -3.38 16.02
CA PRO A 71 40.56 -3.44 15.34
C PRO A 71 40.58 -3.05 13.86
N TRP A 72 39.42 -3.14 13.16
CA TRP A 72 39.31 -2.83 11.74
C TRP A 72 39.04 -1.35 11.45
N ARG A 73 38.83 -0.53 12.51
CA ARG A 73 38.57 0.91 12.38
C ARG A 73 39.78 1.71 11.89
N LEU A 74 39.57 2.73 11.06
CA LEU A 74 40.66 3.59 10.58
C LEU A 74 40.31 5.10 10.81
N PRO A 75 40.45 5.57 12.09
CA PRO A 75 40.12 6.97 12.40
C PRO A 75 41.07 7.94 11.73
N GLY A 76 40.54 9.12 11.36
CA GLY A 76 41.29 10.16 10.66
C GLY A 76 40.82 10.33 9.23
N THR A 77 40.30 9.24 8.62
CA THR A 77 39.74 9.31 7.28
C THR A 77 38.26 8.98 7.38
N TYR A 78 37.42 9.86 6.82
CA TYR A 78 35.97 9.78 6.87
C TYR A 78 35.31 9.94 5.48
N VAL A 79 34.23 9.21 5.28
CA VAL A 79 33.47 9.30 4.03
C VAL A 79 32.27 10.13 4.38
N VAL A 80 32.13 11.29 3.73
CA VAL A 80 31.02 12.19 3.97
C VAL A 80 30.08 11.93 2.81
N VAL A 81 28.91 11.32 3.12
CA VAL A 81 27.91 10.99 2.11
C VAL A 81 26.83 12.04 2.18
N LEU A 82 26.57 12.71 1.06
CA LEU A 82 25.57 13.78 0.98
C LEU A 82 24.23 13.27 0.48
N LYS A 83 23.15 14.05 0.69
CA LYS A 83 21.78 13.72 0.29
C LYS A 83 21.70 13.38 -1.22
N GLU A 84 20.75 12.53 -1.57
CA GLU A 84 20.49 11.96 -2.90
C GLU A 84 20.75 12.87 -4.12
N GLU A 85 20.08 14.02 -4.23
CA GLU A 85 20.21 14.81 -5.46
C GLU A 85 21.30 15.89 -5.44
N THR A 86 22.30 15.73 -4.57
CA THR A 86 23.43 16.66 -4.45
C THR A 86 24.34 16.59 -5.69
N HIS A 87 24.55 17.73 -6.37
CA HIS A 87 25.37 17.80 -7.58
C HIS A 87 26.84 18.02 -7.25
N LEU A 88 27.74 17.69 -8.20
CA LEU A 88 29.20 17.78 -8.04
C LEU A 88 29.64 19.11 -7.42
N SER A 89 29.12 20.23 -7.94
CA SER A 89 29.36 21.59 -7.46
C SER A 89 29.06 21.70 -5.97
N GLN A 90 27.95 21.09 -5.48
CA GLN A 90 27.56 21.09 -4.06
C GLN A 90 28.52 20.25 -3.19
N SER A 91 29.09 19.14 -3.74
CA SER A 91 30.05 18.32 -3.01
C SER A 91 31.33 19.11 -2.80
N GLU A 92 31.87 19.72 -3.88
CA GLU A 92 33.08 20.55 -3.85
C GLU A 92 32.89 21.68 -2.86
N ARG A 93 31.75 22.41 -2.96
CA ARG A 93 31.41 23.51 -2.07
C ARG A 93 31.39 23.07 -0.62
N THR A 94 30.77 21.90 -0.32
CA THR A 94 30.67 21.33 1.03
C THR A 94 32.08 20.94 1.55
N ALA A 95 32.92 20.34 0.69
CA ALA A 95 34.30 19.99 1.05
C ALA A 95 35.11 21.27 1.36
N ARG A 96 35.12 22.27 0.43
CA ARG A 96 35.80 23.56 0.61
C ARG A 96 35.37 24.20 1.93
N ARG A 97 34.05 24.12 2.26
CA ARG A 97 33.42 24.66 3.46
C ARG A 97 33.99 23.98 4.69
N LEU A 98 34.03 22.62 4.71
CA LEU A 98 34.56 21.81 5.82
C LEU A 98 35.98 22.25 6.11
N GLN A 99 36.81 22.26 5.04
CA GLN A 99 38.21 22.65 5.10
C GLN A 99 38.35 24.08 5.70
N ALA A 100 37.61 25.07 5.16
CA ALA A 100 37.62 26.47 5.63
C ALA A 100 37.20 26.58 7.10
N GLN A 101 36.09 25.88 7.48
CA GLN A 101 35.54 25.83 8.83
C GLN A 101 36.62 25.26 9.74
N ALA A 102 37.20 24.09 9.40
CA ALA A 102 38.27 23.44 10.17
C ALA A 102 39.46 24.39 10.38
N ALA A 103 39.93 25.04 9.29
CA ALA A 103 41.02 26.01 9.30
C ALA A 103 40.75 27.14 10.28
N ARG A 104 39.47 27.56 10.45
CA ARG A 104 39.11 28.64 11.40
C ARG A 104 39.31 28.16 12.82
N ARG A 105 39.07 26.85 13.05
CA ARG A 105 39.19 26.17 14.33
C ARG A 105 40.68 25.77 14.54
N GLY A 106 41.52 26.06 13.53
CA GLY A 106 42.97 25.82 13.55
C GLY A 106 43.38 24.39 13.33
N TYR A 107 42.69 23.70 12.41
CA TYR A 107 42.90 22.30 12.08
C TYR A 107 43.16 22.14 10.58
N LEU A 108 44.28 21.47 10.21
CA LEU A 108 44.62 21.16 8.83
C LEU A 108 43.76 20.00 8.41
N THR A 109 43.22 20.09 7.19
CA THR A 109 42.30 19.09 6.62
C THR A 109 42.72 18.77 5.20
N LYS A 110 42.44 17.55 4.72
CA LYS A 110 42.81 17.19 3.36
C LYS A 110 41.68 16.43 2.68
N ILE A 111 41.16 16.99 1.58
CA ILE A 111 40.09 16.33 0.80
C ILE A 111 40.84 15.42 -0.17
N LEU A 112 40.72 14.09 0.03
CA LEU A 112 41.43 13.09 -0.75
C LEU A 112 40.73 12.79 -2.07
N HIS A 113 39.40 12.75 -2.03
CA HIS A 113 38.58 12.44 -3.20
C HIS A 113 37.20 13.08 -3.07
N VAL A 114 36.62 13.49 -4.21
CA VAL A 114 35.29 14.05 -4.32
C VAL A 114 34.50 13.05 -5.15
N PHE A 115 33.58 12.32 -4.50
CA PHE A 115 32.76 11.31 -5.17
C PHE A 115 31.70 11.92 -6.07
N HIS A 116 31.59 11.37 -7.27
CA HIS A 116 30.60 11.74 -8.25
C HIS A 116 30.37 10.58 -9.20
N GLY A 117 29.15 10.42 -9.65
CA GLY A 117 28.82 9.34 -10.57
C GLY A 117 28.22 8.15 -9.88
N LEU A 118 28.77 7.76 -8.70
CA LEU A 118 28.25 6.63 -7.94
C LEU A 118 27.40 7.15 -6.80
N LEU A 119 28.00 7.85 -5.85
CA LEU A 119 27.24 8.48 -4.79
C LEU A 119 27.76 9.91 -4.51
N PRO A 120 26.95 10.83 -3.90
CA PRO A 120 27.45 12.19 -3.70
C PRO A 120 28.16 12.34 -2.36
N GLY A 121 29.34 12.93 -2.40
CA GLY A 121 30.09 13.14 -1.19
C GLY A 121 31.57 13.30 -1.43
N PHE A 122 32.33 13.19 -0.34
CA PHE A 122 33.78 13.30 -0.39
C PHE A 122 34.46 12.48 0.69
N LEU A 123 35.77 12.30 0.52
CA LEU A 123 36.68 11.57 1.39
C LEU A 123 37.59 12.62 2.01
N VAL A 124 37.69 12.60 3.35
CA VAL A 124 38.44 13.62 4.07
C VAL A 124 39.34 13.06 5.17
N LYS A 125 40.60 13.54 5.18
CA LYS A 125 41.60 13.24 6.19
C LYS A 125 41.55 14.42 7.16
N MET A 126 41.05 14.18 8.38
CA MET A 126 40.88 15.20 9.40
C MET A 126 40.78 14.57 10.80
N SER A 127 41.04 15.37 11.86
CA SER A 127 40.86 14.91 13.23
C SER A 127 39.38 14.57 13.46
N GLY A 128 39.12 13.55 14.25
CA GLY A 128 37.77 13.19 14.64
C GLY A 128 37.14 14.26 15.52
N ASP A 129 37.97 15.21 16.04
CA ASP A 129 37.51 16.35 16.84
C ASP A 129 36.56 17.19 16.00
N LEU A 130 36.81 17.22 14.67
CA LEU A 130 36.04 17.96 13.68
C LEU A 130 34.79 17.26 13.17
N LEU A 131 34.44 16.07 13.69
CA LEU A 131 33.26 15.30 13.28
C LEU A 131 31.96 16.05 13.50
N GLU A 132 31.73 16.47 14.76
CA GLU A 132 30.57 17.21 15.24
C GLU A 132 30.30 18.45 14.37
N LEU A 133 31.36 19.12 13.91
CA LEU A 133 31.28 20.24 12.96
C LEU A 133 30.88 19.71 11.55
N ALA A 134 31.50 18.60 11.09
CA ALA A 134 31.17 18.06 9.78
C ALA A 134 29.74 17.53 9.70
N LEU A 135 29.14 17.09 10.83
CA LEU A 135 27.74 16.61 10.87
C LEU A 135 26.76 17.78 10.74
N LYS A 136 27.16 18.97 11.24
CA LYS A 136 26.38 20.19 11.15
C LYS A 136 26.38 20.75 9.72
N LEU A 137 27.29 20.28 8.82
CA LEU A 137 27.41 20.76 7.44
C LEU A 137 26.13 20.60 6.65
N PRO A 138 25.88 21.45 5.63
CA PRO A 138 24.65 21.28 4.85
C PRO A 138 24.76 20.18 3.79
N HIS A 139 23.61 19.59 3.45
CA HIS A 139 23.46 18.49 2.49
C HIS A 139 23.97 17.14 3.02
N VAL A 140 24.52 17.09 4.25
CA VAL A 140 25.11 15.86 4.82
C VAL A 140 24.02 14.81 5.14
N ASP A 141 24.18 13.60 4.58
CA ASP A 141 23.24 12.52 4.84
C ASP A 141 23.74 11.77 6.07
N TYR A 142 25.04 11.39 6.04
CA TYR A 142 25.78 10.70 7.10
C TYR A 142 27.29 10.72 6.85
N ILE A 143 28.07 10.41 7.88
CA ILE A 143 29.52 10.32 7.81
C ILE A 143 29.94 8.94 8.28
N GLU A 144 30.77 8.24 7.50
CA GLU A 144 31.26 6.93 7.86
C GLU A 144 32.77 6.92 7.96
N GLU A 145 33.27 6.52 9.14
CA GLU A 145 34.68 6.39 9.44
C GLU A 145 35.24 5.23 8.61
N ASP A 146 36.34 5.48 7.88
CA ASP A 146 36.98 4.47 7.04
C ASP A 146 37.43 3.28 7.87
N SER A 147 37.46 2.10 7.24
CA SER A 147 37.85 0.87 7.90
C SER A 147 38.42 -0.09 6.89
N SER A 148 39.11 -1.13 7.40
CA SER A 148 39.77 -2.18 6.64
C SER A 148 38.86 -3.19 5.98
N VAL A 149 39.34 -3.66 4.81
CA VAL A 149 38.76 -4.75 4.05
C VAL A 149 39.87 -5.75 3.89
N PHE A 150 39.55 -7.04 3.82
CA PHE A 150 40.57 -8.08 3.78
C PHE A 150 40.33 -9.07 2.68
N ALA A 151 41.43 -9.56 2.09
CA ALA A 151 41.43 -10.57 1.05
C ALA A 151 40.87 -11.83 1.68
N GLN A 152 40.03 -12.57 0.94
CA GLN A 152 39.45 -13.82 1.46
C GLN A 152 40.06 -15.04 0.75
N GLY A 177 29.38 -16.31 -29.36
CA GLY A 177 29.48 -15.87 -27.97
C GLY A 177 29.87 -14.42 -27.79
N SER A 178 29.36 -13.77 -26.71
CA SER A 178 29.61 -12.36 -26.40
C SER A 178 30.72 -12.12 -25.37
N LEU A 179 31.40 -10.96 -25.47
CA LEU A 179 32.46 -10.62 -24.54
C LEU A 179 31.94 -10.01 -23.26
N VAL A 180 32.08 -10.78 -22.17
CA VAL A 180 31.68 -10.35 -20.84
C VAL A 180 32.92 -9.83 -20.17
N GLU A 181 32.87 -8.59 -19.71
CA GLU A 181 33.98 -7.99 -19.00
C GLU A 181 33.82 -8.30 -17.51
N VAL A 182 34.88 -8.80 -16.86
CA VAL A 182 34.86 -9.15 -15.43
C VAL A 182 35.88 -8.31 -14.69
N TYR A 183 35.41 -7.34 -13.89
CA TYR A 183 36.28 -6.49 -13.11
C TYR A 183 36.70 -7.22 -11.86
N LEU A 184 37.94 -7.00 -11.43
CA LEU A 184 38.50 -7.65 -10.26
C LEU A 184 39.11 -6.61 -9.32
N LEU A 185 38.51 -6.48 -8.14
CA LEU A 185 38.99 -5.57 -7.10
C LEU A 185 39.74 -6.43 -6.10
N ASP A 186 41.08 -6.39 -6.17
CA ASP A 186 41.94 -7.26 -5.38
C ASP A 186 43.37 -6.74 -5.35
N THR A 187 44.32 -7.65 -5.13
CA THR A 187 45.75 -7.42 -5.15
C THR A 187 46.20 -7.21 -6.61
N SER A 188 47.51 -6.97 -6.84
CA SER A 188 48.10 -6.91 -8.17
C SER A 188 47.90 -8.31 -8.86
N ILE A 189 48.25 -8.40 -10.15
CA ILE A 189 48.05 -9.61 -10.96
C ILE A 189 49.27 -9.87 -11.82
N GLN A 190 49.56 -11.14 -12.10
CA GLN A 190 50.66 -11.45 -12.99
C GLN A 190 50.00 -11.64 -14.34
N SER A 191 49.80 -10.53 -15.06
CA SER A 191 49.09 -10.50 -16.35
C SER A 191 49.72 -11.36 -17.47
N ASP A 192 51.01 -11.68 -17.35
CA ASP A 192 51.75 -12.48 -18.33
C ASP A 192 51.74 -13.98 -18.02
N HIS A 193 51.03 -14.40 -16.96
CA HIS A 193 50.93 -15.80 -16.58
C HIS A 193 50.16 -16.51 -17.70
N ARG A 194 50.75 -17.58 -18.28
CA ARG A 194 50.16 -18.36 -19.39
C ARG A 194 48.68 -18.68 -19.22
N GLU A 195 48.29 -18.95 -17.98
CA GLU A 195 46.92 -19.28 -17.60
C GLU A 195 45.93 -18.16 -17.93
N ILE A 196 46.35 -16.87 -17.77
CA ILE A 196 45.46 -15.72 -17.99
C ILE A 196 46.01 -14.63 -18.94
N GLU A 197 47.14 -14.86 -19.63
CA GLU A 197 47.69 -13.83 -20.52
C GLU A 197 46.77 -13.57 -21.73
N GLY A 198 46.62 -12.30 -22.08
CA GLY A 198 45.80 -11.86 -23.21
C GLY A 198 44.30 -11.86 -22.96
N ARG A 199 43.91 -12.14 -21.72
CA ARG A 199 42.53 -12.17 -21.27
C ARG A 199 42.41 -11.24 -20.07
N VAL A 200 43.55 -10.79 -19.51
CA VAL A 200 43.57 -9.91 -18.34
C VAL A 200 44.21 -8.57 -18.66
N MET A 201 43.46 -7.50 -18.44
CA MET A 201 43.88 -6.14 -18.66
C MET A 201 44.12 -5.48 -17.30
N VAL A 202 45.23 -4.76 -17.14
CA VAL A 202 45.54 -4.06 -15.87
C VAL A 202 45.21 -2.56 -16.07
N THR A 203 44.12 -2.12 -15.42
CA THR A 203 43.52 -0.79 -15.55
C THR A 203 44.39 0.41 -15.14
N ASP A 204 45.41 0.22 -14.28
CA ASP A 204 46.27 1.30 -13.76
C ASP A 204 45.63 1.98 -12.55
N PHE A 205 44.41 1.54 -12.17
CA PHE A 205 43.73 2.00 -10.97
C PHE A 205 44.42 1.29 -9.81
N GLU A 206 44.88 2.08 -8.85
CA GLU A 206 45.54 1.57 -7.67
C GLU A 206 45.19 2.48 -6.51
N ASN A 207 44.62 1.90 -5.45
CA ASN A 207 44.26 2.63 -4.24
C ASN A 207 44.39 1.69 -3.03
N VAL A 208 45.59 1.69 -2.40
CA VAL A 208 45.85 0.78 -1.28
C VAL A 208 46.44 1.46 -0.02
N PRO A 209 46.07 0.95 1.19
CA PRO A 209 46.71 1.49 2.42
C PRO A 209 48.15 1.03 2.52
N GLU A 210 49.01 1.79 3.25
CA GLU A 210 50.41 1.42 3.48
C GLU A 210 50.46 0.14 4.36
N GLU A 211 51.45 -0.75 4.13
CA GLU A 211 51.58 -1.99 4.91
C GLU A 211 52.00 -1.73 6.35
N ASP A 212 51.52 -2.59 7.29
CA ASP A 212 51.82 -2.52 8.72
C ASP A 212 53.24 -2.99 8.99
N GLY A 213 53.88 -2.35 9.97
CA GLY A 213 55.25 -2.62 10.35
C GLY A 213 56.16 -1.58 9.73
N THR A 214 56.96 -0.90 10.58
CA THR A 214 57.84 0.18 10.15
C THR A 214 58.92 -0.28 9.16
N ARG A 215 59.33 -1.56 9.25
CA ARG A 215 60.35 -2.10 8.36
C ARG A 215 59.82 -3.14 7.39
N PHE A 216 58.55 -3.01 6.95
CA PHE A 216 57.99 -3.95 5.97
C PHE A 216 58.53 -3.63 4.58
N HIS A 217 58.96 -4.68 3.89
CA HIS A 217 59.48 -4.59 2.52
C HIS A 217 58.96 -5.81 1.73
N ARG A 218 58.40 -5.54 0.52
CA ARG A 218 57.87 -6.57 -0.37
C ARG A 218 58.98 -7.50 -0.84
N GLN A 219 60.18 -6.91 -1.14
CA GLN A 219 61.41 -7.56 -1.60
C GLN A 219 61.18 -8.36 -2.90
N ALA A 220 61.59 -9.66 -2.97
CA ALA A 220 61.37 -10.48 -4.18
C ALA A 220 59.87 -10.72 -4.49
N SER A 221 58.97 -10.36 -3.55
CA SER A 221 57.53 -10.53 -3.72
C SER A 221 56.92 -9.44 -4.59
N LYS A 222 56.00 -9.85 -5.49
CA LYS A 222 55.31 -8.98 -6.45
C LYS A 222 53.90 -8.59 -6.00
N CYS A 223 53.43 -9.14 -4.84
CA CYS A 223 52.13 -8.90 -4.21
C CYS A 223 51.02 -9.13 -5.23
N ASP A 224 51.15 -10.29 -5.88
CA ASP A 224 50.46 -10.87 -7.03
C ASP A 224 49.51 -12.01 -6.61
N SER A 225 50.03 -12.96 -5.78
CA SER A 225 49.42 -14.20 -5.31
C SER A 225 47.86 -14.32 -5.44
N HIS A 226 47.10 -13.75 -4.49
CA HIS A 226 45.64 -13.79 -4.38
C HIS A 226 44.97 -13.45 -5.71
N GLY A 227 45.19 -12.24 -6.20
CA GLY A 227 44.63 -11.71 -7.45
C GLY A 227 44.93 -12.57 -8.65
N THR A 228 46.17 -13.00 -8.77
CA THR A 228 46.58 -13.86 -9.87
C THR A 228 45.79 -15.17 -9.78
N HIS A 229 45.71 -15.76 -8.57
CA HIS A 229 44.97 -16.99 -8.36
C HIS A 229 43.49 -16.85 -8.71
N LEU A 230 42.90 -15.72 -8.34
CA LEU A 230 41.48 -15.49 -8.58
C LEU A 230 41.14 -15.21 -10.02
N ALA A 231 42.03 -14.54 -10.77
CA ALA A 231 41.82 -14.33 -12.20
C ALA A 231 41.93 -15.68 -12.91
N GLY A 232 42.73 -16.57 -12.33
CA GLY A 232 42.93 -17.90 -12.84
C GLY A 232 41.67 -18.74 -12.69
N VAL A 233 41.00 -18.63 -11.53
CA VAL A 233 39.79 -19.40 -11.25
C VAL A 233 38.65 -18.95 -12.17
N VAL A 234 38.56 -17.64 -12.40
CA VAL A 234 37.54 -17.04 -13.24
C VAL A 234 37.72 -17.40 -14.72
N SER A 235 38.88 -17.08 -15.30
CA SER A 235 39.17 -17.17 -16.72
C SER A 235 40.35 -17.99 -17.19
N GLY A 236 41.05 -18.65 -16.27
CA GLY A 236 42.25 -19.44 -16.56
C GLY A 236 42.06 -20.47 -17.67
N ARG A 237 43.06 -20.57 -18.55
CA ARG A 237 43.07 -21.47 -19.70
C ARG A 237 42.79 -22.92 -19.36
N ASP A 238 43.51 -23.49 -18.38
CA ASP A 238 43.37 -24.90 -18.02
C ASP A 238 42.49 -25.16 -16.79
N ALA A 239 42.48 -24.23 -15.83
CA ALA A 239 41.79 -24.35 -14.54
C ALA A 239 40.68 -23.31 -14.26
N GLY A 240 40.36 -22.50 -15.28
CA GLY A 240 39.35 -21.47 -15.20
C GLY A 240 37.97 -22.00 -15.46
N VAL A 241 36.94 -21.27 -14.99
CA VAL A 241 35.53 -21.63 -15.14
C VAL A 241 35.07 -21.13 -16.51
N ALA A 242 35.20 -19.82 -16.73
CA ALA A 242 34.80 -19.12 -17.95
C ALA A 242 36.06 -18.80 -18.69
N LYS A 243 36.48 -19.72 -19.55
CA LYS A 243 37.72 -19.59 -20.29
C LYS A 243 37.67 -18.45 -21.35
N GLY A 244 36.47 -18.11 -21.83
CA GLY A 244 36.28 -17.00 -22.76
C GLY A 244 35.83 -15.71 -22.07
N ALA A 245 36.56 -15.26 -21.02
CA ALA A 245 36.17 -14.05 -20.27
C ALA A 245 37.27 -13.00 -20.13
N SER A 246 37.00 -11.80 -20.67
CA SER A 246 37.87 -10.65 -20.61
C SER A 246 37.83 -10.15 -19.18
N MET A 247 38.97 -9.74 -18.65
CA MET A 247 39.06 -9.31 -17.26
C MET A 247 39.80 -8.01 -17.16
N ARG A 248 39.44 -7.20 -16.14
CA ARG A 248 40.06 -5.89 -15.88
C ARG A 248 40.41 -5.81 -14.40
N SER A 249 41.71 -5.58 -14.08
CA SER A 249 42.23 -5.55 -12.71
C SER A 249 42.31 -4.15 -12.11
N LEU A 250 41.94 -4.02 -10.81
CA LEU A 250 41.97 -2.78 -10.02
C LEU A 250 42.65 -3.11 -8.67
N ARG A 251 43.82 -2.51 -8.39
CA ARG A 251 44.56 -2.80 -7.16
C ARG A 251 43.97 -2.06 -5.97
N VAL A 252 43.27 -2.83 -5.15
CA VAL A 252 42.52 -2.36 -4.00
C VAL A 252 43.02 -3.00 -2.67
N LEU A 253 43.88 -4.07 -2.77
CA LEU A 253 44.49 -4.80 -1.64
C LEU A 253 46.02 -4.80 -1.72
N ASN A 254 46.69 -4.29 -0.67
CA ASN A 254 48.15 -4.21 -0.55
C ASN A 254 48.81 -5.60 -0.43
N CYS A 255 50.13 -5.65 -0.18
CA CYS A 255 50.94 -6.87 -0.03
C CYS A 255 50.47 -7.81 1.06
N GLN A 256 49.87 -7.26 2.11
CA GLN A 256 49.35 -8.05 3.21
C GLN A 256 47.87 -8.41 2.99
N GLY A 257 47.38 -8.17 1.76
CA GLY A 257 46.00 -8.42 1.36
C GLY A 257 44.99 -7.56 2.09
N LYS A 258 45.40 -6.32 2.44
CA LYS A 258 44.60 -5.34 3.16
C LYS A 258 44.23 -4.16 2.27
N GLY A 259 42.99 -3.72 2.40
CA GLY A 259 42.44 -2.57 1.69
C GLY A 259 41.59 -1.72 2.61
N THR A 260 41.03 -0.62 2.08
CA THR A 260 40.14 0.26 2.86
C THR A 260 38.77 0.31 2.21
N VAL A 261 37.75 0.68 2.99
CA VAL A 261 36.40 0.82 2.46
C VAL A 261 36.44 1.97 1.44
N SER A 262 37.19 3.02 1.77
CA SER A 262 37.34 4.21 0.94
C SER A 262 38.00 3.91 -0.42
N GLY A 263 39.00 3.04 -0.44
CA GLY A 263 39.69 2.67 -1.67
C GLY A 263 38.82 1.81 -2.57
N THR A 264 37.99 0.95 -1.98
CA THR A 264 37.07 0.07 -2.70
C THR A 264 36.01 0.92 -3.35
N LEU A 265 35.50 1.89 -2.58
CA LEU A 265 34.47 2.82 -2.97
C LEU A 265 34.92 3.62 -4.20
N ILE A 266 36.23 4.01 -4.23
CA ILE A 266 36.84 4.74 -5.34
C ILE A 266 36.92 3.82 -6.56
N GLY A 267 37.28 2.55 -6.32
CA GLY A 267 37.35 1.51 -7.34
C GLY A 267 36.01 1.29 -8.03
N LEU A 268 34.94 1.22 -7.22
CA LEU A 268 33.57 1.04 -7.70
C LEU A 268 33.10 2.26 -8.54
N GLU A 269 33.54 3.45 -8.12
CA GLU A 269 33.22 4.71 -8.78
C GLU A 269 33.92 4.72 -10.14
N PHE A 270 35.13 4.14 -10.21
CA PHE A 270 35.89 4.02 -11.44
C PHE A 270 35.14 3.11 -12.41
N ILE A 271 34.56 2.01 -11.91
CA ILE A 271 33.80 1.07 -12.73
C ILE A 271 32.56 1.76 -13.31
N ARG A 272 31.85 2.56 -12.50
CA ARG A 272 30.66 3.25 -12.97
C ARG A 272 31.01 4.33 -14.02
N LYS A 273 32.10 5.07 -13.76
CA LYS A 273 32.55 6.10 -14.69
C LYS A 273 33.00 5.46 -16.00
N SER A 274 33.57 4.24 -15.89
CA SER A 274 34.03 3.47 -17.04
C SER A 274 32.83 3.10 -17.89
N GLN A 275 31.79 2.47 -17.29
CA GLN A 275 30.61 2.07 -18.04
C GLN A 275 29.81 3.25 -18.60
N LEU A 276 29.91 4.45 -17.98
CA LEU A 276 29.21 5.65 -18.46
C LEU A 276 29.80 6.15 -19.79
N VAL A 277 31.13 6.07 -19.92
CA VAL A 277 31.92 6.47 -21.10
C VAL A 277 32.19 5.29 -22.09
N GLN A 278 31.60 4.09 -21.87
CA GLN A 278 31.81 2.88 -22.68
C GLN A 278 30.51 2.06 -22.94
N PRO A 279 30.49 1.14 -23.95
CA PRO A 279 29.27 0.32 -24.16
C PRO A 279 29.13 -0.80 -23.13
N GLY A 281 27.58 -3.64 -23.34
CA GLY A 281 28.49 -4.67 -22.84
C GLY A 281 28.16 -5.12 -21.42
N PRO A 282 27.90 -6.44 -21.16
CA PRO A 282 27.58 -6.88 -19.78
C PRO A 282 28.78 -6.89 -18.85
N LEU A 283 28.58 -6.40 -17.62
CA LEU A 283 29.60 -6.27 -16.58
C LEU A 283 29.39 -7.20 -15.42
N VAL A 284 30.49 -7.77 -14.94
CA VAL A 284 30.55 -8.61 -13.75
C VAL A 284 31.65 -8.00 -12.90
N VAL A 285 31.40 -7.81 -11.62
CA VAL A 285 32.36 -7.22 -10.70
C VAL A 285 32.57 -8.22 -9.59
N LEU A 286 33.81 -8.69 -9.46
CA LEU A 286 34.18 -9.62 -8.42
C LEU A 286 34.88 -8.84 -7.26
N LEU A 287 34.28 -8.93 -6.06
CA LEU A 287 34.79 -8.30 -4.83
C LEU A 287 35.16 -9.42 -3.84
N PRO A 288 36.37 -10.00 -3.98
CA PRO A 288 36.74 -11.16 -3.13
C PRO A 288 37.40 -10.71 -1.85
N LEU A 289 36.75 -9.76 -1.18
CA LEU A 289 37.23 -9.14 0.03
C LEU A 289 36.05 -8.94 0.96
N ALA A 290 36.34 -8.66 2.25
CA ALA A 290 35.31 -8.41 3.25
C ALA A 290 35.81 -7.59 4.42
N GLY A 291 34.93 -6.76 4.92
CA GLY A 291 35.16 -5.96 6.12
C GLY A 291 33.87 -6.01 6.92
N GLY A 292 33.82 -5.31 8.05
CA GLY A 292 32.62 -5.24 8.85
C GLY A 292 31.53 -4.48 8.14
N TYR A 293 30.25 -4.71 8.51
CA TYR A 293 29.11 -4.03 7.90
C TYR A 293 29.44 -2.57 7.68
N SER A 294 29.33 -2.14 6.42
CA SER A 294 29.57 -0.76 6.01
C SER A 294 28.35 -0.23 5.29
N ARG A 295 27.74 0.83 5.84
CA ARG A 295 26.58 1.48 5.25
C ARG A 295 26.87 2.00 3.82
N VAL A 296 28.03 2.67 3.64
CA VAL A 296 28.44 3.28 2.38
C VAL A 296 28.85 2.22 1.35
N LEU A 297 29.54 1.15 1.79
CA LEU A 297 29.95 0.11 0.84
C LEU A 297 28.72 -0.56 0.24
N ASN A 298 27.73 -0.89 1.10
CA ASN A 298 26.47 -1.48 0.67
C ASN A 298 25.68 -0.54 -0.24
N ALA A 299 25.67 0.78 0.08
CA ALA A 299 25.00 1.83 -0.72
C ALA A 299 25.61 1.88 -2.14
N ALA A 300 26.96 2.01 -2.24
CA ALA A 300 27.69 2.02 -3.52
C ALA A 300 27.39 0.75 -4.29
N CYS A 301 27.37 -0.41 -3.61
CA CYS A 301 27.05 -1.71 -4.22
C CYS A 301 25.62 -1.75 -4.77
N GLN A 302 24.64 -1.21 -4.02
CA GLN A 302 23.25 -1.14 -4.45
C GLN A 302 23.14 -0.23 -5.67
N ARG A 303 23.82 0.94 -5.64
CA ARG A 303 23.81 1.89 -6.75
C ARG A 303 24.32 1.24 -8.05
N LEU A 304 25.46 0.54 -8.01
CA LEU A 304 26.02 -0.16 -9.16
C LEU A 304 25.06 -1.25 -9.68
N ALA A 305 24.45 -2.03 -8.75
CA ALA A 305 23.50 -3.09 -9.07
C ALA A 305 22.27 -2.55 -9.80
N ARG A 306 21.81 -1.36 -9.40
CA ARG A 306 20.66 -0.68 -10.00
C ARG A 306 21.01 -0.21 -11.42
N ALA A 307 22.33 -0.01 -11.70
CA ALA A 307 22.86 0.38 -13.00
C ALA A 307 23.09 -0.86 -13.91
N GLY A 308 22.54 -2.01 -13.47
CA GLY A 308 22.59 -3.31 -14.13
C GLY A 308 23.95 -3.98 -14.13
N VAL A 309 24.68 -3.92 -13.01
CA VAL A 309 26.01 -4.53 -12.89
C VAL A 309 25.88 -5.75 -12.00
N VAL A 310 26.51 -6.89 -12.40
CA VAL A 310 26.46 -8.11 -11.61
C VAL A 310 27.64 -8.15 -10.64
N LEU A 311 27.39 -7.87 -9.36
CA LEU A 311 28.42 -7.86 -8.33
C LEU A 311 28.40 -9.18 -7.60
N VAL A 312 29.55 -9.83 -7.52
CA VAL A 312 29.71 -11.09 -6.80
C VAL A 312 30.72 -10.83 -5.68
N THR A 313 30.41 -11.28 -4.45
CA THR A 313 31.31 -11.09 -3.32
C THR A 313 31.52 -12.37 -2.48
N ALA A 314 32.62 -12.42 -1.75
CA ALA A 314 32.94 -13.48 -0.81
C ALA A 314 32.02 -13.27 0.42
N ALA A 315 31.55 -14.36 1.05
CA ALA A 315 30.65 -14.28 2.21
C ALA A 315 31.42 -13.87 3.47
N GLY A 316 32.70 -14.24 3.53
CA GLY A 316 33.62 -13.97 4.63
C GLY A 316 34.19 -15.26 5.19
N ASN A 317 35.44 -15.21 5.66
CA ASN A 317 36.14 -16.37 6.19
C ASN A 317 36.22 -16.28 7.71
N PHE A 318 35.11 -15.94 8.35
CA PHE A 318 35.08 -15.73 9.79
C PHE A 318 34.13 -16.62 10.59
N ARG A 319 33.54 -17.69 9.96
CA ARG A 319 32.60 -18.64 10.59
C ARG A 319 31.60 -17.81 11.42
N ASP A 320 30.92 -16.89 10.75
CA ASP A 320 30.02 -15.94 11.39
C ASP A 320 28.89 -15.55 10.44
N ASP A 321 27.90 -14.80 10.96
CA ASP A 321 26.77 -14.31 10.20
C ASP A 321 27.33 -13.29 9.21
N ALA A 322 27.19 -13.58 7.90
CA ALA A 322 27.69 -12.72 6.81
C ALA A 322 27.00 -11.34 6.76
N CYS A 323 25.87 -11.18 7.45
CA CYS A 323 25.13 -9.91 7.53
C CYS A 323 25.92 -8.87 8.32
N LEU A 324 26.85 -9.32 9.16
CA LEU A 324 27.72 -8.46 9.96
C LEU A 324 28.88 -7.92 9.13
N TYR A 325 28.98 -8.34 7.87
CA TYR A 325 30.10 -8.06 6.99
C TYR A 325 29.67 -7.40 5.68
N SER A 326 30.57 -6.62 5.06
CA SER A 326 30.32 -5.91 3.81
C SER A 326 31.46 -6.11 2.78
N PRO A 327 31.18 -6.21 1.46
CA PRO A 327 29.87 -6.11 0.77
C PRO A 327 28.90 -7.30 1.00
N ALA A 328 29.30 -8.35 1.71
CA ALA A 328 28.49 -9.54 2.02
C ALA A 328 27.00 -9.26 2.33
N SER A 329 26.73 -8.26 3.20
CA SER A 329 25.40 -7.87 3.68
C SER A 329 24.53 -7.15 2.65
N ALA A 330 25.11 -6.58 1.58
CA ALA A 330 24.30 -5.90 0.55
C ALA A 330 23.39 -6.93 -0.15
N PRO A 331 22.03 -6.76 -0.09
CA PRO A 331 21.14 -7.79 -0.70
C PRO A 331 21.29 -7.95 -2.21
N GLU A 332 21.66 -6.86 -2.88
CA GLU A 332 21.81 -6.78 -4.32
C GLU A 332 22.98 -7.61 -4.84
N VAL A 333 24.10 -7.66 -4.09
CA VAL A 333 25.29 -8.42 -4.46
C VAL A 333 25.05 -9.94 -4.29
N ILE A 334 25.72 -10.75 -5.14
CA ILE A 334 25.63 -12.22 -5.02
C ILE A 334 26.72 -12.67 -4.03
N THR A 335 26.29 -13.06 -2.82
CA THR A 335 27.17 -13.45 -1.72
C THR A 335 27.38 -14.98 -1.75
N VAL A 336 28.66 -15.39 -1.80
CA VAL A 336 29.06 -16.80 -1.93
C VAL A 336 29.86 -17.34 -0.74
N GLY A 337 29.34 -18.42 -0.16
CA GLY A 337 29.99 -19.18 0.89
C GLY A 337 30.83 -20.26 0.22
N ALA A 338 31.77 -20.84 0.96
CA ALA A 338 32.67 -21.86 0.43
C ALA A 338 32.40 -23.25 0.96
N THR A 339 32.40 -24.26 0.06
CA THR A 339 32.24 -25.67 0.43
C THR A 339 33.37 -26.52 -0.17
N ASN A 340 33.71 -27.61 0.53
CA ASN A 340 34.73 -28.55 0.11
C ASN A 340 34.15 -29.68 -0.75
N ALA A 341 35.04 -30.58 -1.23
CA ALA A 341 34.71 -31.73 -2.06
C ALA A 341 33.77 -32.73 -1.40
N GLN A 342 33.73 -32.73 -0.04
CA GLN A 342 32.88 -33.61 0.78
C GLN A 342 31.51 -32.99 1.08
N ASP A 343 31.15 -31.91 0.32
CA ASP A 343 29.93 -31.11 0.39
C ASP A 343 29.74 -30.47 1.77
N GLN A 344 30.83 -30.24 2.50
CA GLN A 344 30.85 -29.66 3.85
C GLN A 344 31.19 -28.18 3.78
N PRO A 345 30.74 -27.33 4.75
CA PRO A 345 31.17 -25.92 4.73
C PRO A 345 32.67 -25.88 5.04
N VAL A 346 33.42 -25.03 4.31
CA VAL A 346 34.87 -24.92 4.46
C VAL A 346 35.31 -24.42 5.85
N THR A 347 36.33 -25.11 6.42
CA THR A 347 36.97 -24.80 7.68
C THR A 347 38.30 -24.17 7.30
N LEU A 348 38.57 -22.98 7.83
CA LEU A 348 39.80 -22.25 7.57
C LEU A 348 40.47 -22.01 8.92
N GLY A 349 41.27 -22.99 9.33
CA GLY A 349 41.94 -22.98 10.61
C GLY A 349 40.94 -23.19 11.72
N THR A 350 40.86 -22.18 12.62
CA THR A 350 39.92 -22.13 13.76
C THR A 350 38.54 -21.56 13.34
N LEU A 351 38.52 -20.86 12.18
CA LEU A 351 37.34 -20.26 11.61
C LEU A 351 36.84 -21.06 10.39
N GLY A 352 36.34 -20.35 9.37
CA GLY A 352 35.82 -20.94 8.15
C GLY A 352 34.82 -20.08 7.41
N THR A 353 34.03 -20.69 6.49
CA THR A 353 33.02 -19.97 5.70
C THR A 353 31.98 -19.29 6.58
N ASN A 354 31.59 -18.10 6.16
CA ASN A 354 30.52 -17.37 6.82
C ASN A 354 29.22 -18.01 6.36
N PHE A 355 28.16 -17.86 7.16
CA PHE A 355 26.87 -18.49 6.89
C PHE A 355 25.71 -17.50 7.02
N GLY A 356 24.48 -18.02 7.05
CA GLY A 356 23.26 -17.25 7.23
C GLY A 356 22.58 -16.69 6.00
N ARG A 357 21.49 -15.99 6.30
CA ARG A 357 20.53 -15.23 5.52
C ARG A 357 21.13 -14.45 4.34
N CYS A 358 22.22 -13.69 4.59
CA CYS A 358 22.86 -12.80 3.61
C CYS A 358 23.69 -13.52 2.56
N VAL A 359 23.89 -14.86 2.72
CA VAL A 359 24.58 -15.71 1.76
C VAL A 359 23.52 -16.14 0.75
N ASP A 360 23.76 -15.85 -0.54
CA ASP A 360 22.85 -16.20 -1.62
C ASP A 360 23.00 -17.70 -1.96
N LEU A 361 24.24 -18.16 -2.13
CA LEU A 361 24.57 -19.56 -2.41
C LEU A 361 26.03 -19.91 -2.00
N PHE A 362 26.40 -21.19 -2.15
CA PHE A 362 27.73 -21.70 -1.83
C PHE A 362 28.38 -22.22 -3.11
N ALA A 363 29.73 -22.31 -3.15
CA ALA A 363 30.47 -22.79 -4.34
C ALA A 363 31.77 -23.47 -3.89
N PRO A 364 32.40 -24.35 -4.71
CA PRO A 364 33.68 -24.95 -4.30
C PRO A 364 34.70 -23.89 -3.81
N GLY A 365 35.16 -24.04 -2.57
CA GLY A 365 36.07 -23.08 -1.95
C GLY A 365 37.22 -23.63 -1.12
N GLU A 366 37.48 -24.95 -1.22
CA GLU A 366 38.58 -25.62 -0.51
C GLU A 366 39.42 -26.39 -1.55
N ASP A 367 40.77 -26.26 -1.45
CA ASP A 367 41.75 -26.93 -2.31
C ASP A 367 41.44 -26.68 -3.79
N ILE A 368 41.30 -25.38 -4.11
CA ILE A 368 40.98 -24.87 -5.45
C ILE A 368 42.26 -24.56 -6.22
N ILE A 369 42.52 -25.35 -7.27
CA ILE A 369 43.67 -25.19 -8.16
C ILE A 369 43.45 -23.97 -9.07
N GLY A 370 44.49 -23.16 -9.17
CA GLY A 370 44.50 -21.97 -10.02
C GLY A 370 45.91 -21.48 -10.21
N ALA A 371 46.08 -20.44 -11.05
CA ALA A 371 47.39 -19.84 -11.35
C ALA A 371 48.14 -19.39 -10.12
N SER A 372 49.45 -19.57 -10.15
CA SER A 372 50.39 -19.21 -9.10
C SER A 372 51.32 -18.16 -9.64
N SER A 373 51.40 -17.02 -8.94
CA SER A 373 52.29 -15.89 -9.22
C SER A 373 53.78 -16.29 -9.16
N ASP A 374 54.04 -17.56 -8.78
CA ASP A 374 55.39 -18.13 -8.68
C ASP A 374 56.13 -18.16 -10.00
N CYS A 375 55.39 -18.39 -11.13
CA CYS A 375 55.87 -18.47 -12.53
C CYS A 375 54.75 -18.37 -13.50
N SER A 376 55.12 -18.18 -14.77
CA SER A 376 54.22 -18.07 -15.90
C SER A 376 53.44 -19.35 -16.16
N THR A 377 53.91 -20.51 -15.67
CA THR A 377 53.20 -21.77 -15.93
C THR A 377 52.84 -22.56 -14.65
N CYS A 378 52.81 -21.87 -13.51
CA CYS A 378 52.63 -22.56 -12.23
C CYS A 378 51.28 -22.43 -11.64
N PHE A 379 50.92 -23.47 -10.88
CA PHE A 379 49.65 -23.60 -10.20
C PHE A 379 49.79 -23.71 -8.70
N VAL A 380 48.69 -23.52 -7.98
CA VAL A 380 48.61 -23.56 -6.52
C VAL A 380 47.17 -23.79 -6.14
N SER A 381 46.96 -24.59 -5.09
CA SER A 381 45.61 -24.82 -4.61
C SER A 381 45.33 -23.91 -3.40
N GLN A 382 44.29 -23.07 -3.49
CA GLN A 382 43.93 -22.16 -2.41
C GLN A 382 42.51 -22.42 -1.84
N SER A 383 42.20 -21.82 -0.67
CA SER A 383 40.92 -21.98 0.00
C SER A 383 40.37 -20.65 0.53
N GLY A 384 39.05 -20.58 0.66
CA GLY A 384 38.36 -19.38 1.12
C GLY A 384 37.20 -18.96 0.24
N THR A 385 36.33 -18.10 0.78
CA THR A 385 35.13 -17.62 0.10
C THR A 385 35.47 -16.77 -1.15
N SER A 386 36.75 -16.33 -1.31
CA SER A 386 37.21 -15.62 -2.51
C SER A 386 37.15 -16.57 -3.70
N GLN A 387 37.71 -17.77 -3.51
CA GLN A 387 37.77 -18.86 -4.49
C GLN A 387 36.35 -19.19 -4.92
N ALA A 388 35.45 -19.36 -3.93
CA ALA A 388 34.04 -19.64 -4.11
C ALA A 388 33.37 -18.50 -4.91
N ALA A 389 33.58 -17.23 -4.52
CA ALA A 389 33.03 -16.07 -5.26
C ALA A 389 33.45 -16.09 -6.74
N ALA A 390 34.77 -16.27 -6.98
CA ALA A 390 35.39 -16.35 -8.30
C ALA A 390 34.68 -17.38 -9.20
N HIS A 391 34.28 -18.56 -8.64
CA HIS A 391 33.55 -19.60 -9.39
C HIS A 391 32.24 -19.03 -9.92
N VAL A 392 31.49 -18.33 -9.06
CA VAL A 392 30.21 -17.71 -9.39
C VAL A 392 30.39 -16.58 -10.41
N ALA A 393 31.46 -15.76 -10.26
CA ALA A 393 31.78 -14.70 -11.21
C ALA A 393 31.98 -15.35 -12.62
N GLY A 394 32.63 -16.53 -12.63
CA GLY A 394 32.85 -17.33 -13.82
C GLY A 394 31.55 -17.81 -14.43
N ILE A 395 30.69 -18.44 -13.61
CA ILE A 395 29.37 -18.93 -14.02
C ILE A 395 28.50 -17.77 -14.58
N ALA A 396 28.49 -16.59 -13.89
CA ALA A 396 27.80 -15.36 -14.30
C ALA A 396 28.25 -14.96 -15.72
N ALA A 397 29.59 -14.91 -15.93
CA ALA A 397 30.22 -14.56 -17.20
C ALA A 397 29.80 -15.50 -18.33
N MET A 398 29.65 -16.80 -18.02
CA MET A 398 29.26 -17.81 -18.99
C MET A 398 27.80 -17.62 -19.35
N MET A 399 26.94 -17.40 -18.35
CA MET A 399 25.50 -17.18 -18.58
C MET A 399 25.27 -15.93 -19.41
N LEU A 400 26.05 -14.85 -19.11
CA LEU A 400 25.98 -13.56 -19.79
C LEU A 400 26.61 -13.58 -21.16
N SER A 401 27.54 -14.51 -21.43
CA SER A 401 28.12 -14.60 -22.78
C SER A 401 27.09 -15.18 -23.73
N ALA A 402 26.25 -16.11 -23.23
CA ALA A 402 25.15 -16.74 -23.98
C ALA A 402 23.98 -15.76 -24.18
N GLU A 403 23.45 -15.16 -23.09
CA GLU A 403 22.36 -14.18 -23.14
C GLU A 403 22.88 -12.88 -22.50
N PRO A 404 23.45 -11.94 -23.30
CA PRO A 404 24.04 -10.71 -22.71
C PRO A 404 23.04 -9.74 -22.10
N GLU A 405 21.80 -9.82 -22.58
CA GLU A 405 20.71 -8.96 -22.18
C GLU A 405 20.13 -9.31 -20.79
N LEU A 406 20.47 -10.51 -20.24
CA LEU A 406 20.03 -11.04 -18.95
C LEU A 406 20.15 -9.99 -17.86
N THR A 407 19.10 -9.85 -17.04
CA THR A 407 19.07 -8.93 -15.91
C THR A 407 19.73 -9.58 -14.69
N LEU A 408 20.09 -8.77 -13.67
CA LEU A 408 20.69 -9.25 -12.42
C LEU A 408 19.68 -10.15 -11.67
N ALA A 409 18.38 -9.81 -11.76
CA ALA A 409 17.31 -10.62 -11.16
C ALA A 409 17.32 -12.01 -11.79
N GLU A 410 17.27 -12.07 -13.15
CA GLU A 410 17.25 -13.27 -13.97
C GLU A 410 18.43 -14.15 -13.72
N LEU A 411 19.62 -13.52 -13.61
CA LEU A 411 20.89 -14.19 -13.34
C LEU A 411 20.91 -14.88 -11.98
N ARG A 412 20.53 -14.16 -10.90
CA ARG A 412 20.47 -14.67 -9.54
C ARG A 412 19.48 -15.86 -9.45
N GLN A 413 18.34 -15.73 -10.11
CA GLN A 413 17.31 -16.76 -10.16
C GLN A 413 17.82 -18.02 -10.88
N ARG A 414 18.57 -17.85 -11.99
CA ARG A 414 19.17 -18.96 -12.72
C ARG A 414 20.32 -19.57 -11.90
N LEU A 415 21.14 -18.72 -11.27
CA LEU A 415 22.19 -19.20 -10.38
C LEU A 415 21.63 -20.11 -9.32
N ILE A 416 20.53 -19.67 -8.65
CA ILE A 416 19.84 -20.50 -7.64
C ILE A 416 19.26 -21.73 -8.29
N HIS A 417 18.63 -21.56 -9.45
CA HIS A 417 17.98 -22.66 -10.16
C HIS A 417 18.90 -23.80 -10.56
N PHE A 418 20.11 -23.50 -11.05
CA PHE A 418 21.02 -24.50 -11.56
C PHE A 418 21.93 -25.11 -10.49
N SER A 419 21.82 -24.63 -9.25
CA SER A 419 22.57 -25.13 -8.12
C SER A 419 22.20 -26.57 -7.73
N ALA A 420 23.06 -27.22 -6.92
CA ALA A 420 22.80 -28.53 -6.34
C ALA A 420 22.12 -28.21 -5.00
N LYS A 421 20.90 -28.72 -4.85
CA LYS A 421 20.06 -28.51 -3.67
C LYS A 421 20.20 -29.64 -2.61
N ASP A 422 20.22 -29.25 -1.32
CA ASP A 422 20.29 -30.12 -0.13
C ASP A 422 21.58 -30.97 -0.04
N VAL A 423 22.64 -30.59 -0.76
CA VAL A 423 23.89 -31.37 -0.73
C VAL A 423 24.73 -31.08 0.53
N ILE A 424 24.75 -29.83 1.00
CA ILE A 424 25.55 -29.37 2.15
C ILE A 424 25.12 -30.00 3.46
N ASN A 425 26.10 -30.41 4.30
CA ASN A 425 25.83 -30.95 5.63
C ASN A 425 25.70 -29.73 6.55
N GLU A 426 24.47 -29.38 6.92
CA GLU A 426 24.17 -28.19 7.72
C GLU A 426 24.64 -28.27 9.19
N ALA A 427 25.04 -29.48 9.66
CA ALA A 427 25.51 -29.76 11.02
C ALA A 427 26.60 -28.82 11.50
N TRP A 428 27.53 -28.42 10.59
CA TRP A 428 28.65 -27.52 10.90
C TRP A 428 28.24 -26.12 11.33
N PHE A 429 27.09 -25.62 10.82
CA PHE A 429 26.56 -24.29 11.15
C PHE A 429 25.89 -24.29 12.50
N PRO A 430 25.93 -23.15 13.23
CA PRO A 430 25.20 -23.07 14.52
C PRO A 430 23.71 -23.33 14.29
N GLU A 431 23.10 -24.18 15.14
CA GLU A 431 21.72 -24.65 15.02
C GLU A 431 20.74 -23.59 14.54
N ASP A 432 20.73 -22.42 15.18
CA ASP A 432 19.81 -21.32 14.87
C ASP A 432 20.07 -20.69 13.49
N GLN A 433 21.28 -20.80 12.95
CA GLN A 433 21.62 -20.28 11.62
C GLN A 433 21.35 -21.23 10.44
N ARG A 434 21.10 -22.54 10.71
CA ARG A 434 20.87 -23.57 9.69
C ARG A 434 19.70 -23.28 8.74
N VAL A 435 18.55 -22.90 9.33
CA VAL A 435 17.29 -22.56 8.65
C VAL A 435 17.52 -21.44 7.67
N LEU A 436 18.36 -20.46 8.06
CA LEU A 436 18.65 -19.23 7.32
C LEU A 436 19.72 -19.38 6.28
N THR A 437 20.48 -20.49 6.34
CA THR A 437 21.58 -20.73 5.41
C THR A 437 21.10 -21.58 4.25
N PRO A 438 21.28 -21.05 3.01
CA PRO A 438 20.80 -21.77 1.82
C PRO A 438 21.57 -23.04 1.55
N ASN A 439 20.87 -24.12 1.19
CA ASN A 439 21.55 -25.37 0.92
C ASN A 439 21.71 -25.55 -0.59
N LEU A 440 22.52 -24.66 -1.16
CA LEU A 440 22.79 -24.61 -2.60
C LEU A 440 24.28 -24.51 -2.89
N VAL A 441 24.74 -25.32 -3.85
CA VAL A 441 26.11 -25.27 -4.34
C VAL A 441 26.04 -24.92 -5.83
N ALA A 442 26.66 -23.78 -6.21
CA ALA A 442 26.68 -23.28 -7.58
C ALA A 442 27.08 -24.37 -8.59
N ALA A 443 26.47 -24.31 -9.76
CA ALA A 443 26.73 -25.20 -10.88
C ALA A 443 26.31 -24.50 -12.16
N LEU A 444 26.94 -24.90 -13.28
CA LEU A 444 26.68 -24.39 -14.61
C LEU A 444 25.36 -24.94 -15.21
N PRO A 445 24.65 -24.17 -16.08
CA PRO A 445 23.40 -24.72 -16.67
C PRO A 445 23.73 -25.83 -17.67
N PRO A 446 22.83 -26.84 -17.84
CA PRO A 446 23.14 -27.95 -18.76
C PRO A 446 22.70 -27.70 -20.20
N TRP A 453 11.14 -19.29 -21.28
CA TRP A 453 9.78 -19.22 -20.75
C TRP A 453 9.62 -20.13 -19.52
N GLN A 454 10.19 -19.69 -18.39
CA GLN A 454 10.18 -20.46 -17.14
C GLN A 454 9.84 -19.60 -15.94
N LEU A 455 9.26 -20.24 -14.91
CA LEU A 455 8.91 -19.59 -13.66
C LEU A 455 9.98 -19.94 -12.65
N PHE A 456 10.75 -18.93 -12.21
CA PHE A 456 11.82 -19.07 -11.23
C PHE A 456 11.39 -18.43 -9.93
N CYS A 457 11.61 -19.14 -8.81
CA CYS A 457 11.35 -18.63 -7.46
C CYS A 457 12.55 -18.81 -6.53
N ARG A 458 12.66 -17.93 -5.55
CA ARG A 458 13.68 -17.99 -4.54
C ARG A 458 13.06 -17.57 -3.22
N THR A 459 13.56 -18.13 -2.12
CA THR A 459 13.12 -17.85 -0.75
C THR A 459 13.96 -16.70 -0.21
N VAL A 460 13.30 -15.76 0.46
CA VAL A 460 13.99 -14.63 1.07
C VAL A 460 13.66 -14.58 2.57
N TRP A 461 14.64 -14.86 3.40
CA TRP A 461 14.45 -14.79 4.85
C TRP A 461 14.67 -13.39 5.34
N SER A 462 13.81 -12.95 6.24
CA SER A 462 13.96 -11.64 6.84
C SER A 462 14.91 -11.76 8.02
N ALA A 463 15.27 -10.60 8.59
CA ALA A 463 16.04 -10.56 9.82
C ALA A 463 15.06 -10.92 10.93
N HIS A 464 15.55 -11.31 12.07
CA HIS A 464 14.67 -11.61 13.18
C HIS A 464 14.06 -10.28 13.66
N SER A 465 12.79 -10.30 14.06
CA SER A 465 12.14 -9.13 14.62
C SER A 465 12.66 -8.97 16.07
N GLY A 466 12.22 -7.96 16.77
CA GLY A 466 12.63 -7.85 18.17
C GLY A 466 11.77 -8.74 19.04
N PRO A 467 11.96 -8.73 20.37
CA PRO A 467 11.11 -9.55 21.23
C PRO A 467 9.79 -8.86 21.59
N THR A 468 9.67 -7.54 21.30
CA THR A 468 8.50 -6.66 21.52
C THR A 468 7.24 -7.28 20.91
N ARG A 469 6.07 -7.23 21.59
CA ARG A 469 4.81 -7.82 21.12
C ARG A 469 4.26 -7.20 19.83
N MET A 470 4.67 -5.97 19.51
CA MET A 470 4.21 -5.26 18.32
C MET A 470 5.30 -5.24 17.24
N ALA A 471 6.44 -5.92 17.49
CA ALA A 471 7.57 -5.99 16.57
C ALA A 471 7.24 -6.75 15.29
N THR A 472 7.79 -6.29 14.16
CA THR A 472 7.60 -6.93 12.85
C THR A 472 8.92 -7.24 12.16
N ALA A 473 8.89 -8.27 11.31
CA ALA A 473 9.98 -8.75 10.48
C ALA A 473 9.58 -8.50 9.05
N ILE A 474 10.52 -8.13 8.19
CA ILE A 474 10.11 -7.84 6.79
C ILE A 474 11.12 -8.37 5.78
N ALA A 475 10.61 -9.23 4.88
CA ALA A 475 11.33 -9.84 3.76
C ALA A 475 10.91 -9.13 2.46
N ARG A 476 11.89 -8.56 1.73
CA ARG A 476 11.65 -7.85 0.47
C ARG A 476 12.18 -8.61 -0.76
N CYS A 477 11.50 -8.45 -1.92
CA CYS A 477 11.97 -9.03 -3.19
C CYS A 477 12.82 -7.99 -3.91
N ALA A 478 13.46 -8.42 -5.01
CA ALA A 478 14.23 -7.56 -5.90
C ALA A 478 13.25 -6.70 -6.72
N PRO A 479 13.64 -5.49 -7.17
CA PRO A 479 12.71 -4.65 -7.94
C PRO A 479 11.93 -5.38 -9.06
N ASP A 480 12.65 -6.15 -9.91
CA ASP A 480 12.04 -6.89 -11.02
C ASP A 480 11.15 -8.09 -10.66
N GLU A 481 11.16 -8.57 -9.39
CA GLU A 481 10.47 -9.80 -8.94
C GLU A 481 9.04 -9.62 -8.42
N GLU A 482 8.29 -10.74 -8.23
CA GLU A 482 6.90 -10.75 -7.72
C GLU A 482 6.80 -11.48 -6.38
N LEU A 483 6.12 -10.88 -5.40
CA LEU A 483 5.94 -11.54 -4.12
C LEU A 483 4.70 -12.38 -4.30
N LEU A 484 4.91 -13.69 -4.42
CA LEU A 484 3.88 -14.66 -4.72
C LEU A 484 3.30 -15.39 -3.51
N SER A 485 3.99 -15.31 -2.39
CA SER A 485 3.71 -16.00 -1.14
C SER A 485 4.54 -15.36 -0.03
N CYS A 486 4.01 -15.44 1.17
CA CYS A 486 4.64 -14.91 2.36
C CYS A 486 4.28 -15.79 3.57
N SER A 487 5.31 -16.31 4.27
CA SER A 487 5.09 -17.09 5.48
C SER A 487 5.88 -16.52 6.64
N SER A 488 5.72 -17.13 7.81
CA SER A 488 6.35 -16.70 9.05
C SER A 488 6.82 -17.90 9.88
N PHE A 489 7.80 -17.67 10.78
CA PHE A 489 8.36 -18.70 11.64
C PHE A 489 8.93 -18.07 12.93
N SER A 490 8.56 -18.66 14.07
CA SER A 490 8.99 -18.27 15.40
C SER A 490 9.53 -19.53 16.03
N ARG A 491 10.67 -19.44 16.73
CA ARG A 491 11.25 -20.60 17.40
C ARG A 491 10.35 -21.03 18.57
N SER A 492 9.69 -20.04 19.22
CA SER A 492 8.76 -20.20 20.35
C SER A 492 7.37 -20.58 19.84
N GLY A 493 7.09 -20.27 18.57
CA GLY A 493 5.81 -20.55 17.92
C GLY A 493 4.71 -19.54 18.17
N LYS A 494 4.94 -18.56 19.10
CA LYS A 494 4.00 -17.47 19.42
C LYS A 494 4.07 -16.45 18.26
N ARG A 495 3.14 -16.58 17.27
CA ARG A 495 3.05 -15.75 16.06
C ARG A 495 1.64 -15.20 15.84
N ARG A 496 1.55 -13.95 15.32
CA ARG A 496 0.29 -13.29 14.98
C ARG A 496 -0.03 -13.54 13.49
N GLY A 497 0.91 -14.13 12.78
CA GLY A 497 0.75 -14.44 11.37
C GLY A 497 1.55 -13.52 10.48
N GLU A 498 1.12 -13.36 9.24
CA GLU A 498 1.86 -12.55 8.27
C GLU A 498 0.96 -11.80 7.29
N ARG A 499 1.56 -10.86 6.55
CA ARG A 499 0.87 -10.01 5.59
C ARG A 499 1.71 -9.74 4.36
N MET A 500 1.06 -9.72 3.19
CA MET A 500 1.66 -9.34 1.92
C MET A 500 1.12 -7.93 1.68
N GLU A 501 1.82 -6.90 2.18
CA GLU A 501 1.38 -5.51 2.06
C GLU A 501 2.31 -4.67 1.23
N ALA A 502 1.74 -3.71 0.51
CA ALA A 502 2.50 -2.78 -0.30
C ALA A 502 3.20 -1.81 0.63
N GLN A 503 4.49 -1.57 0.38
CA GLN A 503 5.33 -0.64 1.13
C GLN A 503 6.23 0.02 0.10
N GLY A 504 5.99 1.31 -0.14
CA GLY A 504 6.71 2.09 -1.13
C GLY A 504 6.39 1.60 -2.54
N GLY A 505 5.10 1.39 -2.80
CA GLY A 505 4.56 0.91 -4.08
C GLY A 505 4.94 -0.51 -4.47
N LYS A 506 5.58 -1.25 -3.54
CA LYS A 506 6.02 -2.62 -3.81
C LYS A 506 5.56 -3.55 -2.70
N LEU A 507 5.02 -4.73 -3.07
CA LEU A 507 4.60 -5.70 -2.06
C LEU A 507 5.78 -6.26 -1.27
N VAL A 508 5.61 -6.34 0.06
CA VAL A 508 6.60 -6.88 1.01
C VAL A 508 5.91 -7.94 1.86
N CYS A 509 6.69 -8.82 2.45
CA CYS A 509 6.15 -9.86 3.29
C CYS A 509 6.49 -9.48 4.74
N ARG A 510 5.47 -8.98 5.47
CA ARG A 510 5.61 -8.55 6.87
C ARG A 510 5.05 -9.58 7.86
N ALA A 511 5.90 -10.08 8.78
CA ALA A 511 5.52 -11.03 9.82
C ALA A 511 5.46 -10.30 11.13
N HIS A 512 4.43 -10.57 11.92
CA HIS A 512 4.14 -9.90 13.19
C HIS A 512 4.35 -10.84 14.39
N ASN A 513 5.09 -10.36 15.39
CA ASN A 513 5.33 -11.10 16.63
C ASN A 513 4.05 -11.08 17.50
N ALA A 514 3.92 -12.03 18.43
CA ALA A 514 2.75 -12.12 19.29
C ALA A 514 3.07 -11.77 20.75
N PHE A 515 2.02 -11.58 21.53
CA PHE A 515 2.10 -11.29 22.95
C PHE A 515 2.88 -12.42 23.64
N GLY A 516 4.02 -12.06 24.19
CA GLY A 516 4.92 -12.95 24.91
C GLY A 516 5.83 -13.79 24.03
N GLY A 517 5.94 -13.44 22.76
CA GLY A 517 6.75 -14.16 21.80
C GLY A 517 8.20 -13.72 21.70
N GLU A 518 9.09 -14.71 21.52
CA GLU A 518 10.55 -14.58 21.33
C GLU A 518 10.91 -13.56 20.23
N GLY A 519 10.14 -13.60 19.14
CA GLY A 519 10.29 -12.82 17.92
C GLY A 519 9.98 -13.71 16.73
N VAL A 520 9.76 -13.12 15.54
CA VAL A 520 9.44 -13.90 14.33
C VAL A 520 10.30 -13.53 13.12
N TYR A 521 10.31 -14.44 12.13
CA TYR A 521 10.97 -14.29 10.84
C TYR A 521 9.88 -14.26 9.76
N ALA A 522 10.07 -13.40 8.74
CA ALA A 522 9.21 -13.30 7.56
C ALA A 522 9.91 -14.03 6.40
N ILE A 523 9.20 -14.96 5.75
CA ILE A 523 9.79 -15.73 4.65
C ILE A 523 9.05 -15.45 3.32
N ALA A 524 9.69 -14.70 2.44
CA ALA A 524 9.09 -14.38 1.14
C ALA A 524 9.45 -15.39 0.07
N ARG A 525 8.64 -15.44 -0.98
CA ARG A 525 8.91 -16.25 -2.14
C ARG A 525 8.88 -15.28 -3.33
N CYS A 526 10.07 -14.94 -3.80
CA CYS A 526 10.32 -13.95 -4.85
C CYS A 526 10.50 -14.58 -6.20
N CYS A 527 9.63 -14.24 -7.12
CA CYS A 527 9.59 -14.94 -8.39
C CYS A 527 9.65 -14.08 -9.60
N LEU A 528 10.08 -14.69 -10.69
CA LEU A 528 10.15 -14.07 -11.99
C LEU A 528 9.23 -14.88 -12.87
N LEU A 529 8.05 -14.32 -13.12
CA LEU A 529 6.96 -14.90 -13.92
C LEU A 529 6.79 -13.98 -15.13
N PRO A 530 6.97 -14.55 -16.34
CA PRO A 530 6.92 -13.75 -17.60
C PRO A 530 5.92 -12.56 -17.71
N GLN A 531 4.73 -12.73 -18.34
CA GLN A 531 3.80 -11.59 -18.50
C GLN A 531 2.74 -11.57 -17.39
N ALA A 532 3.22 -11.44 -16.16
CA ALA A 532 2.43 -11.47 -14.96
C ALA A 532 1.74 -10.16 -14.64
N ASN A 533 0.47 -10.26 -14.31
CA ASN A 533 -0.32 -9.16 -13.81
C ASN A 533 -0.79 -9.77 -12.49
N CYS A 534 -0.06 -9.46 -11.38
CA CYS A 534 -0.34 -10.00 -10.05
C CYS A 534 -0.92 -8.96 -9.09
N SER A 535 -1.72 -9.43 -8.14
CA SER A 535 -2.35 -8.60 -7.12
C SER A 535 -2.60 -9.39 -5.86
N VAL A 536 -2.56 -8.72 -4.69
CA VAL A 536 -2.91 -9.35 -3.42
C VAL A 536 -4.30 -8.86 -3.06
N HIS A 537 -5.25 -9.79 -2.94
CA HIS A 537 -6.63 -9.49 -2.51
C HIS A 537 -6.75 -9.85 -1.05
N THR A 538 -7.35 -8.94 -0.27
CA THR A 538 -7.49 -9.17 1.16
C THR A 538 -8.91 -9.57 1.53
N ALA A 539 -9.04 -10.78 2.07
CA ALA A 539 -10.29 -11.37 2.56
C ALA A 539 -10.42 -11.13 4.09
N PRO A 540 -11.64 -10.90 4.64
CA PRO A 540 -11.74 -10.63 6.08
C PRO A 540 -11.83 -11.92 6.91
N PRO A 541 -11.80 -11.80 8.28
CA PRO A 541 -12.07 -13.01 9.10
C PRO A 541 -13.49 -13.53 8.78
N ALA A 542 -13.70 -14.85 8.76
CA ALA A 542 -14.98 -15.44 8.40
C ALA A 542 -15.52 -16.36 9.51
N GLU A 543 -16.34 -15.80 10.40
CA GLU A 543 -16.89 -16.51 11.53
C GLU A 543 -18.31 -16.94 11.31
N ALA A 544 -18.95 -16.40 10.28
CA ALA A 544 -20.32 -16.81 9.98
C ALA A 544 -20.26 -18.12 9.20
N SER A 545 -21.34 -18.88 9.23
CA SER A 545 -21.40 -20.11 8.46
C SER A 545 -21.59 -19.64 7.03
N MET A 546 -20.60 -19.89 6.18
CA MET A 546 -20.49 -19.47 4.75
C MET A 546 -19.75 -18.08 4.58
N GLY A 547 -19.10 -17.92 3.42
CA GLY A 547 -18.27 -16.78 3.04
C GLY A 547 -16.81 -17.00 3.37
N THR A 548 -16.54 -18.23 3.72
CA THR A 548 -15.34 -18.85 4.22
C THR A 548 -14.21 -19.03 3.16
N ARG A 549 -14.58 -19.39 1.91
CA ARG A 549 -13.67 -19.73 0.83
C ARG A 549 -12.98 -18.53 0.18
N VAL A 550 -11.66 -18.44 0.38
CA VAL A 550 -10.83 -17.37 -0.20
C VAL A 550 -10.05 -17.98 -1.38
N HIS A 551 -10.26 -17.38 -2.55
CA HIS A 551 -9.70 -17.83 -3.81
C HIS A 551 -9.68 -16.69 -4.81
N CYS A 552 -9.00 -16.92 -5.95
CA CYS A 552 -8.88 -15.96 -7.04
C CYS A 552 -10.05 -16.15 -7.96
N HIS A 553 -11.19 -15.58 -7.57
CA HIS A 553 -12.49 -15.63 -8.24
C HIS A 553 -12.44 -15.05 -9.66
N GLN A 554 -11.35 -14.36 -10.04
CA GLN A 554 -11.18 -13.73 -11.35
C GLN A 554 -10.73 -14.73 -12.42
N GLN A 555 -11.31 -14.58 -13.62
CA GLN A 555 -10.98 -15.44 -14.77
C GLN A 555 -9.59 -15.16 -15.30
N GLY A 556 -8.77 -16.18 -15.31
CA GLY A 556 -7.41 -16.07 -15.79
C GLY A 556 -6.45 -15.73 -14.67
N HIS A 557 -6.98 -15.51 -13.43
CA HIS A 557 -6.23 -15.23 -12.21
C HIS A 557 -6.22 -16.50 -11.36
N VAL A 558 -5.01 -16.95 -11.02
CA VAL A 558 -4.74 -18.18 -10.28
C VAL A 558 -3.98 -17.88 -8.98
N LEU A 559 -4.33 -18.62 -7.90
CA LEU A 559 -3.79 -18.49 -6.53
C LEU A 559 -2.38 -18.96 -6.48
N THR A 560 -1.45 -18.05 -6.14
CA THR A 560 -0.03 -18.41 -6.03
C THR A 560 0.38 -18.66 -4.59
N GLY A 561 -0.24 -17.96 -3.64
CA GLY A 561 0.04 -18.13 -2.22
C GLY A 561 -0.92 -17.40 -1.31
N CYS A 562 -0.98 -17.85 -0.04
CA CYS A 562 -1.84 -17.30 1.02
C CYS A 562 -1.04 -16.95 2.29
N SER A 563 -1.41 -15.81 2.88
CA SER A 563 -0.91 -15.29 4.14
C SER A 563 -2.13 -15.20 5.05
N SER A 564 -1.92 -15.30 6.35
CA SER A 564 -2.98 -15.27 7.33
C SER A 564 -2.54 -14.38 8.47
N HIS A 565 -3.38 -13.43 8.87
CA HIS A 565 -3.08 -12.55 9.99
C HIS A 565 -4.19 -12.67 11.05
N TRP A 566 -3.81 -13.00 12.29
CA TRP A 566 -4.72 -13.14 13.43
C TRP A 566 -5.32 -11.79 13.79
N GLU A 567 -6.65 -11.70 13.64
CA GLU A 567 -7.39 -10.47 13.79
C GLU A 567 -8.00 -10.19 15.18
N VAL A 568 -7.69 -11.00 16.19
CA VAL A 568 -8.17 -10.76 17.55
C VAL A 568 -7.08 -10.00 18.31
N GLU A 569 -7.44 -8.91 19.03
CA GLU A 569 -6.45 -8.14 19.76
C GLU A 569 -6.05 -8.84 21.06
N ASP A 570 -4.77 -8.66 21.48
CA ASP A 570 -4.13 -9.28 22.65
C ASP A 570 -4.93 -9.15 23.95
N LEU A 571 -5.64 -8.01 24.15
CA LEU A 571 -6.48 -7.79 25.33
C LEU A 571 -7.90 -8.37 25.19
N GLY A 572 -8.13 -9.12 24.12
CA GLY A 572 -9.40 -9.79 23.85
C GLY A 572 -9.61 -11.03 24.70
N THR A 573 -10.36 -12.00 24.17
CA THR A 573 -10.62 -13.27 24.84
C THR A 573 -10.15 -14.37 23.92
N HIS A 574 -9.12 -15.12 24.38
CA HIS A 574 -8.56 -16.17 23.55
C HIS A 574 -9.39 -17.44 23.61
N LYS A 575 -9.77 -17.91 22.44
CA LYS A 575 -10.54 -19.11 22.20
C LYS A 575 -9.69 -19.89 21.20
N PRO A 576 -9.65 -21.25 21.25
CA PRO A 576 -8.80 -21.98 20.29
C PRO A 576 -9.24 -21.67 18.87
N PRO A 577 -8.28 -21.30 18.00
CA PRO A 577 -8.62 -20.96 16.60
C PRO A 577 -9.30 -22.12 15.86
N VAL A 578 -10.40 -21.82 15.14
CA VAL A 578 -11.25 -22.73 14.34
C VAL A 578 -10.84 -22.59 12.85
N LEU A 579 -10.64 -23.70 12.16
CA LEU A 579 -10.26 -23.71 10.75
C LEU A 579 -11.45 -23.51 9.82
N ARG A 580 -11.26 -22.70 8.75
CA ARG A 580 -12.28 -22.45 7.72
C ARG A 580 -12.45 -23.78 6.93
N PRO A 581 -13.69 -24.30 6.77
CA PRO A 581 -13.87 -25.58 6.06
C PRO A 581 -13.29 -25.62 4.66
N ARG A 582 -13.02 -26.84 4.20
CA ARG A 582 -12.47 -27.05 2.88
C ARG A 582 -13.45 -27.71 1.95
N GLY A 583 -13.68 -27.03 0.83
CA GLY A 583 -14.53 -27.48 -0.25
C GLY A 583 -13.63 -27.91 -1.40
N GLN A 584 -13.13 -26.92 -2.16
CA GLN A 584 -12.22 -27.12 -3.29
C GLN A 584 -10.74 -27.12 -2.84
N PRO A 585 -9.77 -27.58 -3.69
CA PRO A 585 -8.36 -27.60 -3.23
C PRO A 585 -7.70 -26.22 -3.27
N ASN A 586 -7.96 -25.49 -4.36
CA ASN A 586 -7.41 -24.20 -4.74
C ASN A 586 -8.03 -23.01 -3.98
N GLN A 587 -8.07 -23.14 -2.65
CA GLN A 587 -8.51 -22.10 -1.74
C GLN A 587 -7.54 -21.99 -0.56
N CYS A 588 -7.44 -20.80 0.00
CA CYS A 588 -6.61 -20.51 1.16
C CYS A 588 -7.13 -21.24 2.37
N VAL A 589 -6.20 -21.93 2.99
CA VAL A 589 -6.37 -22.67 4.22
C VAL A 589 -6.10 -21.57 5.26
N GLY A 590 -6.94 -21.47 6.28
CA GLY A 590 -6.77 -20.42 7.29
C GLY A 590 -7.78 -20.48 8.42
N HIS A 591 -7.54 -19.69 9.45
CA HIS A 591 -8.47 -19.65 10.57
C HIS A 591 -9.60 -18.72 10.29
N ARG A 592 -10.76 -19.03 10.86
CA ARG A 592 -11.96 -18.23 10.75
C ARG A 592 -11.69 -16.82 11.33
N GLU A 593 -10.93 -16.76 12.43
CA GLU A 593 -10.61 -15.53 13.15
C GLU A 593 -9.48 -14.71 12.49
N ALA A 594 -8.96 -15.17 11.35
CA ALA A 594 -7.89 -14.49 10.63
C ALA A 594 -8.28 -13.80 9.31
N SER A 595 -7.55 -12.73 8.93
CA SER A 595 -7.72 -12.08 7.64
C SER A 595 -6.85 -12.91 6.66
N ILE A 596 -7.20 -12.97 5.37
CA ILE A 596 -6.41 -13.78 4.44
C ILE A 596 -5.97 -12.93 3.26
N HIS A 597 -4.69 -13.01 2.92
CA HIS A 597 -4.13 -12.26 1.82
C HIS A 597 -3.81 -13.25 0.74
N ALA A 598 -4.57 -13.17 -0.37
CA ALA A 598 -4.46 -14.06 -1.50
C ALA A 598 -3.72 -13.40 -2.68
N SER A 599 -2.60 -13.99 -3.11
CA SER A 599 -1.82 -13.55 -4.28
C SER A 599 -2.47 -14.19 -5.50
N CYS A 600 -3.01 -13.35 -6.41
CA CYS A 600 -3.70 -13.76 -7.65
C CYS A 600 -2.97 -13.23 -8.85
N CYS A 601 -2.38 -14.16 -9.63
CA CYS A 601 -1.62 -13.82 -10.83
C CYS A 601 -2.34 -14.16 -12.09
N HIS A 602 -2.22 -13.29 -13.07
CA HIS A 602 -2.75 -13.51 -14.39
C HIS A 602 -1.55 -13.49 -15.29
N ALA A 603 -1.31 -14.61 -15.95
CA ALA A 603 -0.19 -14.76 -16.86
C ALA A 603 -0.47 -15.83 -17.94
N PRO A 604 -0.07 -15.52 -19.21
CA PRO A 604 -0.31 -16.40 -20.37
C PRO A 604 -0.48 -17.92 -20.18
N GLY A 605 0.59 -18.63 -19.77
CA GLY A 605 0.52 -20.08 -19.62
C GLY A 605 0.68 -20.56 -18.20
N LEU A 606 0.32 -19.71 -17.23
CA LEU A 606 0.47 -20.03 -15.82
C LEU A 606 -0.57 -21.03 -15.35
N GLU A 607 -0.09 -22.11 -14.71
CA GLU A 607 -0.96 -23.11 -14.10
C GLU A 607 -0.39 -23.50 -12.75
N CYS A 608 -1.25 -23.49 -11.71
CA CYS A 608 -0.88 -23.80 -10.33
C CYS A 608 -1.73 -24.93 -9.75
N LYS A 609 -1.13 -25.73 -8.88
CA LYS A 609 -1.83 -26.82 -8.19
C LYS A 609 -1.52 -26.79 -6.67
N VAL A 610 -2.39 -27.40 -5.87
CA VAL A 610 -2.20 -27.52 -4.44
C VAL A 610 -1.83 -28.97 -4.11
N LYS A 611 -0.73 -29.14 -3.38
CA LYS A 611 -0.23 -30.43 -2.89
C LYS A 611 -0.26 -30.38 -1.38
N GLU A 612 -0.62 -31.50 -0.73
CA GLU A 612 -0.58 -31.57 0.74
C GLU A 612 -0.16 -32.94 1.25
N HIS A 613 0.43 -32.96 2.46
CA HIS A 613 0.88 -34.16 3.14
C HIS A 613 0.82 -33.93 4.63
N GLY A 614 0.10 -34.82 5.32
CA GLY A 614 -0.08 -34.81 6.77
C GLY A 614 0.43 -36.04 7.45
N ILE A 615 0.96 -35.86 8.68
CA ILE A 615 1.52 -36.85 9.61
C ILE A 615 0.82 -36.56 10.97
N PRO A 616 0.44 -37.56 11.80
CA PRO A 616 -0.25 -37.23 13.06
C PRO A 616 0.68 -36.68 14.16
N ALA A 617 1.73 -37.42 14.52
CA ALA A 617 2.71 -36.98 15.50
C ALA A 617 4.09 -36.99 14.82
N PRO A 618 4.57 -35.81 14.34
CA PRO A 618 5.85 -35.77 13.61
C PRO A 618 7.09 -36.23 14.40
N GLU A 620 9.15 -33.71 14.12
CA GLU A 620 9.50 -32.32 14.39
C GLU A 620 9.18 -31.45 13.17
N GLN A 621 9.07 -32.09 11.99
CA GLN A 621 8.75 -31.42 10.75
C GLN A 621 7.99 -32.29 9.74
N VAL A 622 7.08 -31.65 9.02
CA VAL A 622 6.25 -32.24 7.96
C VAL A 622 6.70 -31.58 6.66
N THR A 623 6.70 -32.34 5.57
CA THR A 623 7.20 -31.88 4.28
C THR A 623 6.34 -32.33 3.09
N VAL A 624 6.24 -31.45 2.08
CA VAL A 624 5.56 -31.72 0.80
C VAL A 624 6.37 -31.02 -0.30
N ALA A 625 6.65 -31.71 -1.42
CA ALA A 625 7.48 -31.15 -2.48
C ALA A 625 6.84 -31.11 -3.87
N CYS A 626 7.17 -30.08 -4.66
CA CYS A 626 6.66 -29.93 -6.02
C CYS A 626 7.52 -30.80 -6.93
N GLU A 627 6.85 -31.61 -7.79
CA GLU A 627 7.46 -32.52 -8.78
C GLU A 627 8.44 -31.79 -9.70
N GLU A 628 9.23 -32.59 -10.44
CA GLU A 628 10.17 -32.10 -11.44
C GLU A 628 9.34 -31.37 -12.51
N GLY A 629 9.72 -30.13 -12.80
CA GLY A 629 9.02 -29.33 -13.79
C GLY A 629 8.15 -28.26 -13.18
N TRP A 630 7.78 -28.44 -11.91
CA TRP A 630 6.96 -27.52 -11.13
C TRP A 630 7.83 -26.70 -10.19
N THR A 631 7.41 -25.47 -9.92
CA THR A 631 8.09 -24.52 -9.03
C THR A 631 7.20 -24.15 -7.84
N LEU A 632 7.71 -24.38 -6.59
CA LEU A 632 7.03 -24.04 -5.33
C LEU A 632 6.89 -22.53 -5.25
N THR A 633 5.65 -22.10 -5.13
CA THR A 633 5.26 -20.70 -5.08
C THR A 633 4.82 -20.39 -3.66
N GLY A 634 3.85 -21.12 -3.14
CA GLY A 634 3.37 -20.93 -1.78
C GLY A 634 3.56 -22.13 -0.87
N CYS A 635 3.82 -21.85 0.44
CA CYS A 635 3.99 -22.82 1.53
C CYS A 635 3.24 -22.35 2.80
N SER A 636 2.28 -23.20 3.29
CA SER A 636 1.43 -22.94 4.45
C SER A 636 1.21 -24.19 5.31
N ALA A 637 0.83 -23.98 6.59
CA ALA A 637 0.55 -25.06 7.56
C ALA A 637 -0.92 -25.06 7.87
N LEU A 638 -1.51 -26.25 8.00
CA LEU A 638 -2.93 -26.39 8.29
C LEU A 638 -3.29 -26.10 9.78
N PRO A 639 -2.63 -26.74 10.81
CA PRO A 639 -3.03 -26.48 12.21
C PRO A 639 -2.62 -25.10 12.76
N SER A 642 -0.10 -21.92 16.94
CA SER A 642 0.53 -22.18 18.24
C SER A 642 1.22 -23.58 18.32
N HIS A 643 0.52 -24.66 17.87
CA HIS A 643 1.01 -26.05 17.80
C HIS A 643 2.20 -26.16 16.79
N VAL A 644 2.09 -25.40 15.70
CA VAL A 644 3.00 -25.24 14.59
C VAL A 644 3.90 -24.02 14.92
N LEU A 645 5.23 -24.16 14.72
CA LEU A 645 6.18 -23.08 14.94
C LEU A 645 6.22 -22.12 13.74
N GLY A 646 5.90 -22.67 12.58
CA GLY A 646 5.87 -21.94 11.33
C GLY A 646 6.01 -22.87 10.13
N ALA A 647 6.02 -22.28 8.94
CA ALA A 647 6.15 -22.96 7.66
C ALA A 647 7.07 -22.14 6.77
N TYR A 648 7.85 -22.79 5.89
CA TYR A 648 8.76 -22.09 4.97
C TYR A 648 9.18 -22.95 3.79
N ALA A 649 9.46 -22.30 2.66
CA ALA A 649 9.96 -22.93 1.44
C ALA A 649 11.46 -23.22 1.61
N VAL A 650 11.88 -24.40 1.12
CA VAL A 650 13.28 -24.86 1.09
C VAL A 650 13.37 -25.42 -0.33
N ASP A 651 13.74 -24.53 -1.28
CA ASP A 651 13.75 -24.79 -2.73
C ASP A 651 12.32 -25.15 -3.18
N ASN A 652 12.02 -26.41 -3.59
CA ASN A 652 10.66 -26.78 -4.04
C ASN A 652 9.93 -27.65 -3.01
N THR A 653 10.35 -27.51 -1.75
CA THR A 653 9.81 -28.25 -0.63
C THR A 653 9.25 -27.29 0.39
N CYS A 654 8.00 -27.55 0.76
CA CYS A 654 7.28 -26.83 1.78
C CYS A 654 7.53 -27.56 3.10
N VAL A 655 8.15 -26.86 4.05
CA VAL A 655 8.50 -27.40 5.35
C VAL A 655 7.65 -26.75 6.41
N VAL A 656 6.99 -27.58 7.22
CA VAL A 656 6.18 -27.12 8.34
C VAL A 656 6.87 -27.65 9.60
N ARG A 657 7.23 -26.75 10.51
CA ARG A 657 7.89 -27.15 11.75
C ARG A 657 6.88 -27.12 12.88
N SER A 658 6.78 -28.23 13.62
CA SER A 658 5.87 -28.45 14.74
C SER A 658 6.67 -28.58 16.06
N ARG A 659 5.96 -28.66 17.21
CA ARG A 659 6.63 -28.80 18.51
C ARG A 659 6.65 -30.25 18.96
N ALA A 671 -3.74 -33.88 12.89
CA ALA A 671 -2.58 -34.18 12.07
C ALA A 671 -1.90 -32.92 11.47
N VAL A 672 -0.56 -32.83 11.62
CA VAL A 672 0.26 -31.72 11.09
C VAL A 672 0.39 -31.86 9.55
N THR A 673 -0.25 -30.94 8.81
CA THR A 673 -0.25 -30.94 7.34
C THR A 673 0.58 -29.78 6.76
N ALA A 674 1.27 -30.04 5.65
CA ALA A 674 2.01 -29.04 4.91
C ALA A 674 1.26 -28.85 3.61
N VAL A 675 0.86 -27.61 3.34
CA VAL A 675 0.06 -27.21 2.18
C VAL A 675 0.91 -26.36 1.27
N ALA A 676 1.13 -26.87 0.05
CA ALA A 676 1.94 -26.20 -0.95
C ALA A 676 1.19 -25.86 -2.24
N ILE A 677 1.49 -24.68 -2.82
CA ILE A 677 1.00 -24.31 -4.14
C ILE A 677 2.23 -24.41 -5.07
N CYS A 678 2.09 -25.20 -6.16
CA CYS A 678 3.13 -25.47 -7.16
C CYS A 678 2.69 -24.83 -8.44
N CYS A 679 3.54 -24.03 -9.09
CA CYS A 679 3.17 -23.43 -10.38
C CYS A 679 4.14 -23.78 -11.50
N ARG A 680 3.70 -23.55 -12.75
CA ARG A 680 4.49 -23.74 -13.96
C ARG A 680 3.95 -22.83 -15.08
N SER A 681 4.84 -22.50 -16.07
CA SER A 681 4.52 -21.62 -17.18
C SER A 681 4.69 -22.28 -18.56
N ARG A 682 3.56 -22.81 -19.11
CA ARG A 682 3.50 -23.43 -20.43
C ARG A 682 3.50 -22.35 -21.55
N GLN B 1 -39.57 -6.36 7.50
CA GLN B 1 -39.35 -6.32 8.94
C GLN B 1 -37.85 -6.51 9.33
N VAL B 2 -36.94 -6.77 8.36
CA VAL B 2 -35.50 -6.85 8.62
C VAL B 2 -35.02 -5.39 8.55
N GLN B 3 -34.54 -4.81 9.68
CA GLN B 3 -34.13 -3.38 9.69
C GLN B 3 -33.04 -3.04 10.70
N LEU B 4 -32.39 -1.87 10.45
CA LEU B 4 -31.29 -1.30 11.25
C LEU B 4 -31.62 0.14 11.63
N LYS B 5 -31.93 0.38 12.91
CA LYS B 5 -32.28 1.71 13.42
C LYS B 5 -31.05 2.39 13.97
N GLN B 6 -30.72 3.55 13.42
CA GLN B 6 -29.56 4.31 13.85
C GLN B 6 -29.97 5.41 14.77
N SER B 7 -29.07 5.78 15.70
CA SER B 7 -29.24 6.84 16.69
C SER B 7 -29.44 8.24 16.04
N GLY B 8 -29.77 9.23 16.87
CA GLY B 8 -29.98 10.60 16.43
C GLY B 8 -28.69 11.31 16.09
N ALA B 9 -28.81 12.45 15.36
CA ALA B 9 -27.69 13.30 14.97
C ALA B 9 -26.95 13.81 16.20
N GLU B 10 -25.62 13.98 16.10
CA GLU B 10 -24.81 14.43 17.23
C GLU B 10 -23.93 15.64 16.95
N LEU B 11 -23.78 16.49 17.97
CA LEU B 11 -22.90 17.65 17.96
C LEU B 11 -21.85 17.38 19.03
N VAL B 12 -20.57 17.32 18.63
CA VAL B 12 -19.45 17.05 19.54
C VAL B 12 -18.38 18.11 19.47
N ARG B 13 -17.79 18.44 20.63
CA ARG B 13 -16.69 19.40 20.73
C ARG B 13 -15.44 18.77 20.06
N PRO B 14 -14.55 19.53 19.39
CA PRO B 14 -13.35 18.92 18.82
C PRO B 14 -12.47 18.36 19.94
N GLY B 15 -12.04 17.11 19.79
CA GLY B 15 -11.25 16.43 20.80
C GLY B 15 -12.06 15.48 21.65
N ALA B 16 -13.41 15.61 21.61
CA ALA B 16 -14.31 14.74 22.35
C ALA B 16 -14.55 13.43 21.60
N SER B 17 -15.49 12.60 22.09
CA SER B 17 -15.84 11.29 21.52
C SER B 17 -17.35 11.07 21.45
N VAL B 18 -17.80 10.18 20.53
CA VAL B 18 -19.22 9.81 20.36
C VAL B 18 -19.39 8.33 20.24
N LYS B 19 -20.48 7.80 20.81
CA LYS B 19 -20.81 6.39 20.66
C LYS B 19 -22.11 6.32 19.88
N LEU B 20 -21.99 5.95 18.60
CA LEU B 20 -23.14 5.81 17.70
C LEU B 20 -23.77 4.43 17.90
N SER B 21 -25.09 4.30 17.67
CA SER B 21 -25.83 3.06 17.89
C SER B 21 -26.49 2.54 16.64
N CYS B 22 -26.64 1.22 16.57
CA CYS B 22 -27.33 0.61 15.46
C CYS B 22 -28.22 -0.57 15.86
N LYS B 23 -29.49 -0.29 16.20
CA LYS B 23 -30.45 -1.29 16.65
C LYS B 23 -30.89 -2.21 15.54
N ALA B 24 -30.62 -3.51 15.72
CA ALA B 24 -30.98 -4.53 14.73
C ALA B 24 -32.25 -5.25 15.13
N SER B 25 -33.07 -5.61 14.12
CA SER B 25 -34.33 -6.34 14.33
C SER B 25 -34.80 -7.14 13.11
N GLY B 26 -35.66 -8.13 13.38
CA GLY B 26 -36.29 -8.97 12.37
C GLY B 26 -35.43 -10.08 11.80
N TYR B 27 -34.30 -10.38 12.47
CA TYR B 27 -33.36 -11.43 12.07
C TYR B 27 -32.52 -11.91 13.26
N ILE B 28 -31.68 -12.95 13.07
CA ILE B 28 -30.84 -13.43 14.16
C ILE B 28 -29.61 -12.51 14.29
N PHE B 29 -29.63 -11.61 15.30
CA PHE B 29 -28.61 -10.60 15.56
C PHE B 29 -27.17 -11.08 15.49
N THR B 30 -26.86 -12.13 16.26
CA THR B 30 -25.54 -12.73 16.42
C THR B 30 -25.02 -13.47 15.19
N ASP B 31 -25.81 -13.54 14.11
CA ASP B 31 -25.44 -14.33 12.93
C ASP B 31 -24.99 -13.56 11.71
N TYR B 32 -25.14 -12.23 11.70
CA TYR B 32 -24.82 -11.40 10.55
C TYR B 32 -23.83 -10.32 10.88
N TYR B 33 -22.80 -10.14 10.04
CA TYR B 33 -21.82 -9.07 10.23
C TYR B 33 -22.49 -7.70 10.00
N ILE B 34 -22.09 -6.69 10.79
CA ILE B 34 -22.57 -5.31 10.69
C ILE B 34 -21.36 -4.40 10.46
N ASN B 35 -21.49 -3.46 9.52
CA ASN B 35 -20.41 -2.57 9.12
C ASN B 35 -20.74 -1.12 9.36
N TRP B 36 -19.69 -0.30 9.53
CA TRP B 36 -19.79 1.15 9.69
C TRP B 36 -19.11 1.82 8.51
N LEU B 37 -19.79 2.82 7.91
CA LEU B 37 -19.32 3.48 6.72
C LEU B 37 -19.40 5.00 6.85
N LYS B 38 -18.31 5.69 6.49
CA LYS B 38 -18.24 7.16 6.58
C LYS B 38 -18.63 7.80 5.23
N LYS B 39 -19.47 8.84 5.26
CA LYS B 39 -19.87 9.58 4.06
C LYS B 39 -19.69 11.09 4.22
N ARG B 40 -18.76 11.67 3.47
CA ARG B 40 -18.57 13.12 3.48
C ARG B 40 -19.34 13.71 2.27
N PRO B 41 -19.73 15.01 2.28
CA PRO B 41 -20.56 15.56 1.18
C PRO B 41 -20.17 15.21 -0.27
N GLY B 42 -18.95 15.58 -0.69
CA GLY B 42 -18.51 15.33 -2.06
C GLY B 42 -17.88 13.99 -2.33
N GLN B 43 -17.50 13.27 -1.27
CA GLN B 43 -16.78 11.99 -1.33
C GLN B 43 -17.65 10.76 -1.51
N GLY B 44 -16.99 9.66 -1.81
CA GLY B 44 -17.61 8.35 -1.88
C GLY B 44 -17.48 7.69 -0.51
N LEU B 45 -18.45 6.82 -0.18
CA LEU B 45 -18.44 6.07 1.08
C LEU B 45 -17.06 5.45 1.42
N GLU B 46 -16.65 5.55 2.70
CA GLU B 46 -15.41 4.98 3.26
C GLU B 46 -15.79 3.81 4.15
N TRP B 47 -15.23 2.62 3.90
CA TRP B 47 -15.54 1.51 4.78
C TRP B 47 -14.71 1.68 6.06
N ILE B 48 -15.38 1.76 7.22
CA ILE B 48 -14.66 1.94 8.48
C ILE B 48 -14.23 0.58 9.08
N ALA B 49 -15.21 -0.22 9.53
CA ALA B 49 -14.95 -1.48 10.21
C ALA B 49 -16.18 -2.37 10.20
N ARG B 50 -15.98 -3.66 10.56
CA ARG B 50 -17.01 -4.68 10.66
C ARG B 50 -16.88 -5.48 11.95
N ILE B 51 -18.02 -5.93 12.48
CA ILE B 51 -18.08 -6.70 13.70
C ILE B 51 -19.02 -7.87 13.51
N TYR B 52 -18.60 -9.03 13.99
CA TYR B 52 -19.49 -10.16 13.99
C TYR B 52 -20.07 -10.20 15.40
N PRO B 53 -21.39 -9.95 15.57
CA PRO B 53 -22.00 -10.09 16.91
C PRO B 53 -21.99 -11.60 17.22
N GLY B 54 -22.08 -11.99 18.45
CA GLY B 54 -21.97 -13.43 18.67
C GLY B 54 -20.59 -13.77 19.20
N SER B 55 -19.54 -13.18 18.57
CA SER B 55 -18.14 -13.27 19.02
C SER B 55 -17.61 -11.88 19.47
N GLY B 56 -18.15 -10.81 18.87
CA GLY B 56 -17.73 -9.44 19.14
C GLY B 56 -16.38 -9.09 18.51
N HIS B 57 -15.89 -9.97 17.62
CA HIS B 57 -14.63 -9.83 16.92
C HIS B 57 -14.72 -8.77 15.84
N THR B 58 -13.71 -7.91 15.80
CA THR B 58 -13.66 -6.75 14.89
C THR B 58 -12.51 -6.80 13.88
N TYR B 59 -12.77 -6.19 12.72
CA TYR B 59 -11.87 -6.03 11.58
C TYR B 59 -12.04 -4.59 11.10
N TYR B 60 -10.96 -3.81 11.12
CA TYR B 60 -11.00 -2.38 10.78
C TYR B 60 -10.16 -2.12 9.58
N ASN B 61 -10.47 -0.98 8.92
CA ASN B 61 -9.67 -0.39 7.89
C ASN B 61 -8.50 0.25 8.68
N GLU B 62 -7.24 -0.06 8.31
CA GLU B 62 -6.02 0.48 8.95
C GLU B 62 -6.16 1.98 9.27
N ASN B 63 -6.70 2.76 8.33
CA ASN B 63 -6.94 4.20 8.39
C ASN B 63 -7.86 4.66 9.52
N PHE B 64 -8.72 3.76 10.04
CA PHE B 64 -9.65 4.07 11.12
C PHE B 64 -9.38 3.31 12.44
N LYS B 65 -8.30 2.48 12.50
CA LYS B 65 -7.93 1.63 13.66
C LYS B 65 -7.85 2.36 14.98
N ASP B 66 -7.22 3.54 14.98
CA ASP B 66 -7.09 4.34 16.19
C ASP B 66 -8.37 5.16 16.45
N LYS B 67 -9.00 5.70 15.37
CA LYS B 67 -10.23 6.50 15.46
C LYS B 67 -11.41 5.73 16.05
N ALA B 68 -11.80 4.59 15.40
CA ALA B 68 -12.99 3.82 15.71
C ALA B 68 -12.79 2.58 16.56
N THR B 69 -13.85 2.21 17.30
CA THR B 69 -13.94 1.04 18.16
C THR B 69 -15.34 0.47 18.03
N LEU B 70 -15.45 -0.78 17.59
CA LEU B 70 -16.75 -1.40 17.43
C LEU B 70 -17.06 -2.28 18.63
N THR B 71 -18.35 -2.37 19.00
CA THR B 71 -18.84 -3.15 20.13
C THR B 71 -20.24 -3.67 19.83
N ALA B 72 -20.62 -4.79 20.46
CA ALA B 72 -21.94 -5.39 20.28
C ALA B 72 -22.55 -5.81 21.61
N GLU B 73 -23.85 -5.54 21.78
CA GLU B 73 -24.60 -5.90 22.98
C GLU B 73 -25.75 -6.81 22.56
N LYS B 74 -25.60 -8.13 22.82
CA LYS B 74 -26.62 -9.14 22.48
C LYS B 74 -27.97 -8.84 23.14
N SER B 75 -27.94 -8.44 24.44
CA SER B 75 -29.16 -8.10 25.20
C SER B 75 -29.92 -6.93 24.55
N SER B 76 -29.18 -5.86 24.20
CA SER B 76 -29.70 -4.65 23.57
C SER B 76 -30.01 -4.84 22.08
N SER B 77 -29.41 -5.88 21.44
CA SER B 77 -29.54 -6.25 20.01
C SER B 77 -29.01 -5.11 19.12
N ASN B 78 -27.89 -4.49 19.55
CA ASN B 78 -27.30 -3.40 18.76
C ASN B 78 -25.80 -3.26 18.87
N VAL B 79 -25.22 -2.89 17.74
CA VAL B 79 -23.81 -2.65 17.48
C VAL B 79 -23.57 -1.16 17.76
N TYR B 80 -22.38 -0.84 18.29
CA TYR B 80 -21.96 0.51 18.58
C TYR B 80 -20.67 0.80 17.85
N MET B 81 -20.42 2.10 17.58
CA MET B 81 -19.17 2.61 17.02
C MET B 81 -18.77 3.87 17.78
N GLN B 82 -17.65 3.78 18.49
CA GLN B 82 -17.12 4.90 19.25
C GLN B 82 -16.00 5.54 18.46
N LEU B 83 -16.05 6.87 18.28
CA LEU B 83 -15.06 7.63 17.52
C LEU B 83 -14.36 8.56 18.49
N SER B 84 -13.04 8.37 18.68
CA SER B 84 -12.24 9.15 19.64
C SER B 84 -11.52 10.34 19.00
N SER B 85 -11.07 11.34 19.82
CA SER B 85 -10.32 12.54 19.40
C SER B 85 -10.84 13.14 18.09
N LEU B 86 -12.11 13.56 18.07
CA LEU B 86 -12.74 14.06 16.85
C LEU B 86 -12.13 15.38 16.33
N THR B 87 -12.28 15.58 15.00
CA THR B 87 -11.81 16.70 14.18
C THR B 87 -12.91 17.08 13.19
N SER B 88 -12.84 18.28 12.57
CA SER B 88 -13.79 18.71 11.54
C SER B 88 -13.79 17.71 10.36
N GLU B 89 -12.67 16.97 10.17
CA GLU B 89 -12.52 15.96 9.13
C GLU B 89 -13.41 14.73 9.41
N ASP B 90 -13.95 14.63 10.65
CA ASP B 90 -14.83 13.54 11.06
C ASP B 90 -16.30 13.92 10.96
N SER B 91 -16.59 15.23 10.74
CA SER B 91 -17.95 15.69 10.51
C SER B 91 -18.36 14.99 9.21
N ALA B 92 -19.29 14.03 9.34
CA ALA B 92 -19.81 13.23 8.24
C ALA B 92 -21.13 12.57 8.64
N VAL B 93 -21.69 11.75 7.73
CA VAL B 93 -22.88 10.96 8.01
C VAL B 93 -22.40 9.52 8.11
N TYR B 94 -22.66 8.89 9.25
CA TYR B 94 -22.22 7.50 9.43
C TYR B 94 -23.33 6.56 9.13
N PHE B 95 -23.03 5.55 8.33
CA PHE B 95 -23.99 4.54 7.93
C PHE B 95 -23.64 3.19 8.49
N CYS B 96 -24.68 2.47 8.80
CA CYS B 96 -24.70 1.15 9.39
C CYS B 96 -25.16 0.16 8.30
N ALA B 97 -24.61 -1.08 8.23
CA ALA B 97 -25.05 -2.03 7.18
C ALA B 97 -24.78 -3.52 7.46
N ARG B 98 -25.73 -4.38 7.07
CA ARG B 98 -25.66 -5.84 7.25
C ARG B 98 -25.05 -6.54 6.02
N GLU B 99 -24.20 -7.53 6.25
CA GLU B 99 -23.67 -8.33 5.16
C GLU B 99 -24.54 -9.61 5.09
N ASN B 100 -25.14 -9.84 3.94
CA ASN B 100 -25.89 -11.05 3.75
C ASN B 100 -25.14 -11.91 2.76
N PHE B 101 -24.64 -13.08 3.22
CA PHE B 101 -23.92 -14.10 2.45
C PHE B 101 -24.87 -15.11 1.84
N TYR B 102 -24.67 -15.42 0.54
CA TYR B 102 -25.45 -16.41 -0.20
C TYR B 102 -24.64 -17.64 -0.58
N GLY B 103 -23.33 -17.60 -0.38
CA GLY B 103 -22.46 -18.73 -0.71
C GLY B 103 -21.23 -18.90 0.15
N SER B 104 -20.43 -19.91 -0.20
CA SER B 104 -19.20 -20.23 0.53
C SER B 104 -18.05 -19.29 0.14
N SER B 105 -18.13 -18.65 -1.03
CA SER B 105 -17.08 -17.74 -1.47
C SER B 105 -17.08 -16.46 -0.62
N TYR B 106 -15.89 -15.85 -0.48
CA TYR B 106 -15.75 -14.64 0.30
C TYR B 106 -16.36 -13.43 -0.43
N VAL B 107 -16.73 -13.63 -1.73
CA VAL B 107 -17.37 -12.62 -2.60
C VAL B 107 -18.86 -12.97 -2.86
N ASP B 108 -19.41 -13.97 -2.16
CA ASP B 108 -20.80 -14.40 -2.31
C ASP B 108 -21.67 -13.80 -1.22
N TRP B 109 -21.75 -12.46 -1.22
CA TRP B 109 -22.50 -11.63 -0.28
C TRP B 109 -22.75 -10.24 -0.88
N TYR B 110 -23.56 -9.42 -0.15
CA TYR B 110 -23.96 -8.04 -0.46
C TYR B 110 -24.50 -7.30 0.78
N PHE B 111 -24.60 -5.96 0.68
CA PHE B 111 -25.16 -5.10 1.73
C PHE B 111 -26.66 -4.93 1.47
N ASP B 112 -27.47 -5.89 1.95
CA ASP B 112 -28.91 -5.87 1.69
C ASP B 112 -29.66 -4.85 2.54
N VAL B 113 -29.34 -4.69 3.84
CA VAL B 113 -30.07 -3.68 4.60
C VAL B 113 -29.06 -2.69 5.24
N TRP B 114 -29.48 -1.40 5.28
CA TRP B 114 -28.73 -0.23 5.77
C TRP B 114 -29.61 0.62 6.67
N GLY B 115 -28.97 1.34 7.59
CA GLY B 115 -29.63 2.34 8.43
C GLY B 115 -29.68 3.64 7.66
N THR B 116 -30.49 4.63 8.11
CA THR B 116 -30.61 5.92 7.39
C THR B 116 -29.44 6.88 7.61
N GLY B 117 -28.54 6.53 8.52
CA GLY B 117 -27.38 7.34 8.82
C GLY B 117 -27.55 8.23 10.04
N THR B 118 -26.42 8.54 10.69
CA THR B 118 -26.34 9.44 11.83
C THR B 118 -25.38 10.56 11.42
N THR B 119 -25.86 11.79 11.46
CA THR B 119 -25.07 12.99 11.14
C THR B 119 -24.23 13.37 12.34
N VAL B 120 -22.90 13.49 12.14
CA VAL B 120 -21.98 13.91 13.18
C VAL B 120 -21.45 15.31 12.80
N THR B 121 -21.57 16.25 13.74
CA THR B 121 -21.12 17.61 13.56
C THR B 121 -20.08 17.86 14.64
N VAL B 122 -18.81 18.04 14.23
CA VAL B 122 -17.69 18.31 15.14
C VAL B 122 -17.51 19.81 15.10
N SER B 123 -17.96 20.51 16.16
CA SER B 123 -17.90 21.95 16.26
C SER B 123 -17.88 22.40 17.70
N SER B 124 -17.35 23.59 17.92
CA SER B 124 -17.29 24.22 19.25
C SER B 124 -18.49 25.16 19.43
N ALA B 125 -19.27 25.37 18.35
CA ALA B 125 -20.49 26.16 18.34
C ALA B 125 -21.61 25.41 19.07
N LYS B 126 -22.24 26.04 20.06
CA LYS B 126 -23.34 25.42 20.83
C LYS B 126 -24.65 25.28 20.03
N THR B 127 -25.40 24.21 20.37
CA THR B 127 -26.71 23.86 19.83
C THR B 127 -27.67 25.00 20.04
N THR B 128 -28.34 25.43 18.96
CA THR B 128 -29.36 26.46 19.05
C THR B 128 -30.63 25.96 18.35
N PRO B 129 -31.83 26.07 18.98
CA PRO B 129 -33.04 25.63 18.30
C PRO B 129 -33.49 26.68 17.26
N PRO B 130 -34.38 26.33 16.31
CA PRO B 130 -34.76 27.34 15.33
C PRO B 130 -35.90 28.25 15.79
N SER B 131 -36.02 29.36 15.08
CA SER B 131 -37.10 30.29 15.18
C SER B 131 -37.94 29.91 13.96
N VAL B 132 -39.26 29.75 14.15
CA VAL B 132 -40.17 29.35 13.09
C VAL B 132 -41.08 30.53 12.74
N TYR B 133 -41.09 30.93 11.46
CA TYR B 133 -41.82 32.10 11.01
C TYR B 133 -42.83 31.81 9.90
N PRO B 134 -44.11 32.16 10.09
CA PRO B 134 -45.10 31.87 9.05
C PRO B 134 -44.94 32.76 7.82
N LEU B 135 -45.09 32.16 6.63
CA LEU B 135 -45.04 32.94 5.39
C LEU B 135 -46.42 32.87 4.74
N ALA B 136 -47.27 33.83 5.08
CA ALA B 136 -48.64 33.90 4.57
C ALA B 136 -48.78 35.13 3.66
N PRO B 137 -49.52 35.02 2.53
CA PRO B 137 -49.66 36.19 1.65
C PRO B 137 -50.66 37.19 2.19
N GLY B 138 -50.43 38.46 1.90
CA GLY B 138 -51.33 39.54 2.30
C GLY B 138 -52.41 39.79 1.28
N CYS B 139 -52.88 41.06 1.24
CA CYS B 139 -53.89 41.66 0.37
C CYS B 139 -53.77 41.21 -1.06
N GLY B 140 -54.89 41.02 -1.72
CA GLY B 140 -54.81 40.67 -3.13
C GLY B 140 -56.02 40.08 -3.79
N ASP B 141 -55.95 40.04 -5.13
CA ASP B 141 -56.94 39.45 -6.02
C ASP B 141 -56.43 38.05 -6.37
N THR B 142 -57.20 37.02 -5.99
CA THR B 142 -56.86 35.63 -6.24
C THR B 142 -56.92 35.33 -7.72
N THR B 143 -55.82 34.73 -8.20
CA THR B 143 -55.61 34.31 -9.58
C THR B 143 -55.23 32.84 -9.52
N GLY B 144 -56.00 32.00 -10.19
CA GLY B 144 -55.74 30.56 -10.21
C GLY B 144 -56.42 29.72 -9.13
N SER B 145 -56.22 28.41 -9.24
CA SER B 145 -56.81 27.39 -8.39
C SER B 145 -56.29 27.34 -6.97
N SER B 146 -55.01 27.70 -6.77
CA SER B 146 -54.39 27.50 -5.47
C SER B 146 -53.63 28.68 -4.90
N VAL B 147 -53.15 28.50 -3.66
CA VAL B 147 -52.39 29.45 -2.88
C VAL B 147 -51.15 28.77 -2.31
N THR B 148 -49.99 29.44 -2.36
CA THR B 148 -48.74 28.96 -1.78
C THR B 148 -48.48 29.63 -0.42
N LEU B 149 -48.20 28.80 0.56
CA LEU B 149 -47.91 29.21 1.94
C LEU B 149 -46.50 28.74 2.27
N GLY B 150 -45.88 29.42 3.21
CA GLY B 150 -44.53 29.06 3.55
C GLY B 150 -44.26 28.98 5.03
N CYS B 151 -43.04 28.59 5.36
CA CYS B 151 -42.58 28.46 6.73
C CYS B 151 -41.08 28.73 6.70
N LEU B 152 -40.61 29.70 7.48
CA LEU B 152 -39.18 30.03 7.53
C LEU B 152 -38.58 29.53 8.85
N VAL B 153 -37.59 28.62 8.75
CA VAL B 153 -36.86 27.97 9.86
C VAL B 153 -35.45 28.61 9.92
N LYS B 154 -35.28 29.61 10.79
CA LYS B 154 -34.05 30.40 10.85
C LYS B 154 -33.26 30.24 12.17
N GLY B 155 -31.93 30.35 12.06
CA GLY B 155 -31.02 30.37 13.20
C GLY B 155 -30.96 29.18 14.13
N TYR B 156 -30.72 28.00 13.56
CA TYR B 156 -30.58 26.75 14.29
C TYR B 156 -29.22 26.13 14.01
N PHE B 157 -28.76 25.24 14.91
CA PHE B 157 -27.50 24.53 14.77
C PHE B 157 -27.51 23.26 15.63
N PRO B 158 -27.08 22.07 15.12
CA PRO B 158 -26.60 21.76 13.77
C PRO B 158 -27.71 21.43 12.77
N GLU B 159 -27.31 21.11 11.53
CA GLU B 159 -28.07 20.79 10.31
C GLU B 159 -29.44 20.09 10.43
N SER B 160 -29.56 19.12 11.33
CA SER B 160 -30.75 18.27 11.52
C SER B 160 -32.11 18.98 11.79
N VAL B 161 -32.99 19.12 10.76
CA VAL B 161 -34.34 19.71 10.96
C VAL B 161 -35.34 19.17 9.93
N THR B 162 -36.57 18.82 10.40
CA THR B 162 -37.69 18.23 9.65
C THR B 162 -38.94 19.11 9.63
N VAL B 163 -39.40 19.50 8.42
CA VAL B 163 -40.61 20.31 8.31
C VAL B 163 -41.74 19.52 7.69
N THR B 164 -42.86 19.40 8.41
CA THR B 164 -44.06 18.71 7.95
C THR B 164 -45.21 19.69 7.96
N TRP B 165 -46.18 19.50 7.06
CA TRP B 165 -47.33 20.39 6.96
C TRP B 165 -48.60 19.72 7.46
N ASN B 166 -49.35 20.48 8.30
CA ASN B 166 -50.50 20.08 9.11
C ASN B 166 -49.89 19.06 10.09
N SER B 167 -49.93 17.77 9.76
CA SER B 167 -49.25 16.73 10.53
C SER B 167 -48.54 15.79 9.57
N GLY B 168 -49.09 15.67 8.36
CA GLY B 168 -48.58 14.84 7.26
C GLY B 168 -49.44 14.89 6.00
N SER B 169 -50.25 15.97 5.86
CA SER B 169 -51.15 16.18 4.72
C SER B 169 -50.93 17.58 4.10
N SER B 172 -51.23 17.18 -0.47
CA SER B 172 -50.93 18.39 -1.25
C SER B 172 -49.47 18.46 -1.74
N SER B 173 -49.08 19.62 -2.34
CA SER B 173 -47.74 19.86 -2.89
C SER B 173 -46.88 20.59 -1.88
N VAL B 174 -45.72 19.98 -1.52
CA VAL B 174 -44.75 20.49 -0.53
C VAL B 174 -43.33 20.51 -1.13
N HIS B 175 -42.58 21.60 -0.86
CA HIS B 175 -41.19 21.76 -1.27
C HIS B 175 -40.34 22.06 -0.05
N THR B 176 -39.22 21.36 0.10
CA THR B 176 -38.28 21.57 1.18
C THR B 176 -36.97 22.09 0.57
N PHE B 177 -36.63 23.33 0.88
CA PHE B 177 -35.44 23.96 0.34
C PHE B 177 -34.22 23.71 1.22
N PRO B 178 -33.10 23.21 0.65
CA PRO B 178 -31.89 22.95 1.45
C PRO B 178 -31.43 24.10 2.33
N ALA B 179 -30.85 23.77 3.47
CA ALA B 179 -30.34 24.74 4.44
C ALA B 179 -29.12 25.45 3.91
N LEU B 180 -28.90 26.68 4.39
CA LEU B 180 -27.74 27.49 4.05
C LEU B 180 -27.20 28.14 5.32
N LEU B 181 -25.87 28.33 5.39
CA LEU B 181 -25.29 28.98 6.55
C LEU B 181 -25.36 30.51 6.45
N GLN B 182 -26.13 31.09 7.38
CA GLN B 182 -26.37 32.51 7.51
C GLN B 182 -25.64 32.97 8.77
N SER B 183 -24.34 33.26 8.62
CA SER B 183 -23.42 33.74 9.66
C SER B 183 -23.32 32.78 10.87
N GLY B 184 -22.93 31.55 10.59
CA GLY B 184 -22.74 30.53 11.61
C GLY B 184 -23.93 29.62 11.88
N LEU B 185 -25.15 30.08 11.54
CA LEU B 185 -26.37 29.29 11.79
C LEU B 185 -27.09 28.90 10.54
N TYR B 186 -27.74 27.75 10.55
CA TYR B 186 -28.49 27.30 9.38
C TYR B 186 -29.86 27.96 9.26
N THR B 187 -30.27 28.20 8.00
CA THR B 187 -31.55 28.79 7.59
C THR B 187 -32.11 27.91 6.47
N MET B 188 -33.41 27.63 6.57
CA MET B 188 -34.11 26.77 5.64
C MET B 188 -35.56 27.25 5.58
N SER B 189 -36.24 27.03 4.44
CA SER B 189 -37.66 27.38 4.30
C SER B 189 -38.40 26.27 3.58
N SER B 190 -39.71 26.14 3.85
CA SER B 190 -40.58 25.13 3.27
C SER B 190 -41.83 25.75 2.65
N SER B 191 -42.14 25.39 1.40
CA SER B 191 -43.33 25.85 0.67
C SER B 191 -44.38 24.76 0.63
N VAL B 192 -45.64 25.15 0.82
CA VAL B 192 -46.79 24.26 0.71
C VAL B 192 -47.82 24.93 -0.21
N THR B 193 -48.49 24.17 -1.04
CA THR B 193 -49.50 24.72 -1.93
C THR B 193 -50.82 24.01 -1.70
N VAL B 194 -51.86 24.77 -1.37
CA VAL B 194 -53.21 24.28 -1.08
C VAL B 194 -54.24 24.99 -1.98
N PRO B 195 -55.40 24.37 -2.31
CA PRO B 195 -56.40 25.08 -3.15
C PRO B 195 -56.93 26.35 -2.50
N SER B 196 -57.26 27.35 -3.33
CA SER B 196 -57.79 28.66 -2.92
C SER B 196 -58.88 28.57 -1.86
N SER B 197 -59.70 27.50 -1.92
CA SER B 197 -60.78 27.21 -0.99
C SER B 197 -60.25 26.97 0.45
N THR B 198 -59.56 25.82 0.67
CA THR B 198 -59.01 25.35 1.95
C THR B 198 -58.28 26.41 2.82
N TRP B 199 -57.64 27.44 2.23
CA TRP B 199 -56.98 28.49 2.99
C TRP B 199 -57.47 29.86 2.52
N PRO B 200 -57.89 30.80 3.39
CA PRO B 200 -57.90 30.75 4.88
C PRO B 200 -59.18 30.20 5.52
N SER B 201 -59.92 29.34 4.80
CA SER B 201 -61.15 28.72 5.34
C SER B 201 -60.73 27.78 6.48
N GLN B 202 -60.08 26.66 6.13
CA GLN B 202 -59.50 25.74 7.10
C GLN B 202 -58.08 26.26 7.44
N THR B 203 -57.45 25.73 8.51
CA THR B 203 -56.12 26.18 8.94
C THR B 203 -54.98 25.26 8.42
N VAL B 204 -53.79 25.87 8.19
CA VAL B 204 -52.57 25.20 7.72
C VAL B 204 -51.47 25.45 8.75
N THR B 205 -50.79 24.38 9.22
CA THR B 205 -49.76 24.48 10.28
C THR B 205 -48.46 23.75 9.98
N CYS B 206 -47.33 24.48 9.86
CA CYS B 206 -46.05 23.79 9.70
C CYS B 206 -45.56 23.37 11.08
N SER B 207 -45.23 22.07 11.18
CA SER B 207 -44.68 21.42 12.36
C SER B 207 -43.18 21.27 12.06
N VAL B 208 -42.33 21.98 12.82
CA VAL B 208 -40.88 22.02 12.65
C VAL B 208 -40.20 21.31 13.83
N ALA B 209 -39.36 20.31 13.53
CA ALA B 209 -38.68 19.53 14.55
C ALA B 209 -37.16 19.50 14.35
N HIS B 210 -36.43 20.06 15.34
CA HIS B 210 -34.96 20.10 15.39
C HIS B 210 -34.52 19.12 16.48
N PRO B 211 -34.26 17.83 16.13
CA PRO B 211 -33.94 16.84 17.16
C PRO B 211 -32.69 17.12 17.98
N ALA B 212 -31.66 17.75 17.37
CA ALA B 212 -30.41 18.06 18.06
C ALA B 212 -30.58 18.93 19.31
N SER B 213 -31.68 19.71 19.39
CA SER B 213 -32.01 20.56 20.55
C SER B 213 -33.26 20.02 21.25
N SER B 214 -33.75 18.85 20.76
CA SER B 214 -34.95 18.13 21.22
C SER B 214 -36.16 19.08 21.25
N THR B 215 -36.36 19.85 20.15
CA THR B 215 -37.46 20.81 20.04
C THR B 215 -38.37 20.49 18.88
N THR B 216 -39.64 20.81 19.09
CA THR B 216 -40.73 20.63 18.14
C THR B 216 -41.68 21.83 18.30
N VAL B 217 -41.82 22.61 17.22
CA VAL B 217 -42.64 23.83 17.20
C VAL B 217 -43.69 23.78 16.09
N ASP B 218 -44.96 24.10 16.41
CA ASP B 218 -46.07 24.17 15.45
C ASP B 218 -46.44 25.63 15.20
N LYS B 219 -46.21 26.12 13.99
CA LYS B 219 -46.59 27.50 13.64
C LYS B 219 -47.83 27.52 12.75
N LYS B 220 -48.92 28.08 13.28
CA LYS B 220 -50.19 28.17 12.57
C LYS B 220 -50.13 29.30 11.53
N LEU B 221 -50.70 29.05 10.34
CA LEU B 221 -50.76 30.07 9.31
C LEU B 221 -52.16 30.65 9.24
N GLU B 222 -52.28 31.90 9.72
CA GLU B 222 -53.54 32.66 9.75
C GLU B 222 -53.28 34.05 9.17
N ASP C 1 -4.84 -0.33 -1.89
CA ASP C 1 -6.29 -0.13 -1.89
C ASP C 1 -6.83 0.07 -3.30
N ILE C 2 -7.86 -0.71 -3.70
CA ILE C 2 -8.45 -0.60 -5.05
C ILE C 2 -9.14 0.77 -5.24
N VAL C 3 -8.75 1.50 -6.29
CA VAL C 3 -9.29 2.82 -6.60
C VAL C 3 -10.52 2.70 -7.53
N MET C 4 -11.65 3.32 -7.14
CA MET C 4 -12.91 3.32 -7.92
C MET C 4 -13.07 4.64 -8.66
N THR C 5 -13.14 4.61 -10.00
CA THR C 5 -13.27 5.84 -10.78
C THR C 5 -14.62 5.83 -11.52
N GLN C 6 -15.63 6.48 -10.94
CA GLN C 6 -17.00 6.55 -11.47
C GLN C 6 -17.20 7.74 -12.41
N SER C 7 -17.98 7.56 -13.49
CA SER C 7 -18.20 8.65 -14.45
C SER C 7 -19.02 9.79 -13.85
N GLN C 8 -18.57 11.04 -14.08
CA GLN C 8 -19.16 12.27 -13.53
C GLN C 8 -20.61 12.55 -13.98
N LYS C 9 -20.98 12.13 -15.20
CA LYS C 9 -22.34 12.33 -15.71
C LYS C 9 -22.89 11.05 -16.33
N PHE C 10 -24.22 10.94 -16.42
CA PHE C 10 -24.89 9.82 -17.09
C PHE C 10 -24.76 10.01 -18.59
N MET C 11 -24.57 8.93 -19.34
CA MET C 11 -24.41 9.00 -20.79
C MET C 11 -25.65 8.50 -21.53
N SER C 12 -26.36 9.41 -22.23
CA SER C 12 -27.56 9.12 -23.02
C SER C 12 -27.15 8.33 -24.27
N THR C 13 -27.96 7.35 -24.71
CA THR C 13 -27.57 6.53 -25.86
C THR C 13 -28.67 6.49 -26.95
N SER C 14 -29.56 5.46 -26.91
CA SER C 14 -30.62 5.26 -27.89
C SER C 14 -31.82 6.14 -27.61
N GLY C 15 -31.79 7.34 -28.21
CA GLY C 15 -32.83 8.37 -28.11
C GLY C 15 -33.20 8.82 -26.71
N GLY C 16 -32.27 8.70 -25.77
CA GLY C 16 -32.47 9.07 -24.37
C GLY C 16 -33.12 7.99 -23.50
N ASP C 17 -33.43 6.80 -24.09
CA ASP C 17 -34.06 5.67 -23.38
C ASP C 17 -33.11 5.01 -22.40
N ARG C 18 -31.88 4.70 -22.84
CA ARG C 18 -30.88 4.13 -21.95
C ARG C 18 -29.86 5.20 -21.51
N VAL C 19 -29.65 5.34 -20.20
CA VAL C 19 -28.68 6.26 -19.60
C VAL C 19 -27.70 5.44 -18.79
N SER C 20 -26.38 5.62 -19.03
CA SER C 20 -25.39 4.77 -18.37
C SER C 20 -24.27 5.48 -17.67
N ILE C 21 -23.64 4.76 -16.72
CA ILE C 21 -22.45 5.16 -15.99
C ILE C 21 -21.46 4.00 -15.93
N THR C 22 -20.19 4.29 -16.20
CA THR C 22 -19.09 3.33 -16.13
C THR C 22 -18.41 3.52 -14.78
N CYS C 23 -17.86 2.45 -14.25
CA CYS C 23 -17.14 2.42 -12.99
C CYS C 23 -15.91 1.56 -13.26
N LYS C 24 -14.72 2.17 -13.19
CA LYS C 24 -13.44 1.53 -13.46
C LYS C 24 -12.60 1.34 -12.20
N THR C 25 -11.98 0.14 -12.08
CA THR C 25 -11.18 -0.26 -10.93
C THR C 25 -9.67 -0.22 -11.22
N SER C 26 -8.89 0.07 -10.15
CA SER C 26 -7.43 0.15 -10.10
C SER C 26 -6.84 -1.21 -10.47
N GLN C 27 -7.44 -2.31 -9.96
CA GLN C 27 -7.02 -3.66 -10.29
C GLN C 27 -8.22 -4.58 -10.60
N ASN C 28 -7.96 -5.75 -11.21
CA ASN C 28 -8.99 -6.72 -11.59
C ASN C 28 -9.73 -7.29 -10.36
N VAL C 29 -11.02 -6.96 -10.28
CA VAL C 29 -11.93 -7.35 -9.19
C VAL C 29 -12.92 -8.45 -9.64
N GLY C 30 -12.62 -9.07 -10.78
CA GLY C 30 -13.46 -10.10 -11.37
C GLY C 30 -14.84 -9.56 -11.70
N THR C 31 -15.81 -9.99 -10.91
CA THR C 31 -17.22 -9.66 -11.10
C THR C 31 -17.78 -9.08 -9.76
N ALA C 32 -16.91 -8.98 -8.74
CA ALA C 32 -17.19 -8.49 -7.42
C ALA C 32 -17.41 -6.98 -7.36
N VAL C 33 -18.48 -6.51 -8.03
CA VAL C 33 -18.93 -5.11 -8.04
C VAL C 33 -20.45 -5.05 -7.84
N ALA C 34 -20.91 -4.18 -6.90
CA ALA C 34 -22.33 -3.94 -6.63
C ALA C 34 -22.68 -2.48 -6.95
N TRP C 35 -23.98 -2.21 -7.22
CA TRP C 35 -24.50 -0.89 -7.58
C TRP C 35 -25.64 -0.53 -6.65
N PHE C 36 -25.60 0.70 -6.11
CA PHE C 36 -26.60 1.20 -5.18
C PHE C 36 -27.21 2.50 -5.66
N GLN C 37 -28.50 2.70 -5.30
CA GLN C 37 -29.33 3.90 -5.52
C GLN C 37 -29.35 4.62 -4.18
N GLN C 38 -29.19 5.95 -4.19
CA GLN C 38 -29.27 6.74 -2.98
C GLN C 38 -30.02 8.03 -3.18
N LYS C 39 -31.23 8.03 -2.62
CA LYS C 39 -32.12 9.18 -2.60
C LYS C 39 -31.73 9.97 -1.32
N PRO C 40 -31.66 11.33 -1.37
CA PRO C 40 -31.21 12.10 -0.19
C PRO C 40 -32.01 11.83 1.10
N GLY C 41 -31.26 11.71 2.20
CA GLY C 41 -31.77 11.43 3.54
C GLY C 41 -32.30 10.02 3.71
N GLN C 42 -31.95 9.12 2.77
CA GLN C 42 -32.38 7.72 2.76
C GLN C 42 -31.20 6.77 2.74
N SER C 43 -31.42 5.54 3.25
CA SER C 43 -30.41 4.49 3.33
C SER C 43 -30.15 3.93 1.90
N PRO C 44 -28.87 3.76 1.46
CA PRO C 44 -28.64 3.24 0.10
C PRO C 44 -29.43 1.96 -0.19
N LYS C 45 -29.83 1.76 -1.46
CA LYS C 45 -30.64 0.63 -1.89
C LYS C 45 -29.88 -0.23 -2.93
N LEU C 46 -29.64 -1.50 -2.61
CA LEU C 46 -28.94 -2.43 -3.49
C LEU C 46 -29.72 -2.69 -4.78
N LEU C 47 -29.05 -2.51 -5.92
CA LEU C 47 -29.70 -2.73 -7.22
C LEU C 47 -29.14 -3.93 -7.97
N ILE C 48 -27.81 -3.92 -8.21
CA ILE C 48 -27.08 -4.96 -8.91
C ILE C 48 -25.97 -5.46 -7.97
N TYR C 49 -25.74 -6.77 -7.94
CA TYR C 49 -24.69 -7.42 -7.19
C TYR C 49 -23.98 -8.37 -8.15
N SER C 50 -22.70 -8.68 -7.89
CA SER C 50 -21.89 -9.56 -8.76
C SER C 50 -21.91 -9.09 -10.21
N ALA C 51 -21.74 -7.77 -10.38
CA ALA C 51 -21.64 -6.97 -11.61
C ALA C 51 -22.88 -6.97 -12.50
N SER C 52 -23.71 -8.02 -12.47
CA SER C 52 -24.87 -8.12 -13.37
C SER C 52 -26.16 -8.66 -12.75
N ASN C 53 -26.08 -9.35 -11.60
CA ASN C 53 -27.27 -9.91 -10.94
C ASN C 53 -28.11 -8.83 -10.27
N ARG C 54 -29.40 -8.88 -10.49
CA ARG C 54 -30.35 -7.90 -9.98
C ARG C 54 -30.93 -8.37 -8.66
N TYR C 55 -30.78 -7.60 -7.57
CA TYR C 55 -31.35 -7.91 -6.25
C TYR C 55 -32.92 -8.05 -6.28
N THR C 56 -33.54 -8.69 -5.26
CA THR C 56 -35.00 -8.88 -5.23
C THR C 56 -35.76 -7.59 -5.19
N GLY C 57 -36.80 -7.57 -6.01
CA GLY C 57 -37.69 -6.43 -6.12
C GLY C 57 -37.24 -5.41 -7.14
N VAL C 58 -35.94 -5.37 -7.45
CA VAL C 58 -35.35 -4.42 -8.39
C VAL C 58 -35.91 -4.57 -9.81
N SER C 59 -36.34 -3.42 -10.41
CA SER C 59 -36.89 -3.30 -11.75
C SER C 59 -35.94 -3.81 -12.82
N ASP C 60 -36.51 -4.43 -13.88
CA ASP C 60 -35.83 -4.96 -15.07
C ASP C 60 -35.19 -3.81 -15.88
N ARG C 61 -35.54 -2.55 -15.53
CA ARG C 61 -34.97 -1.33 -16.14
C ARG C 61 -33.53 -1.10 -15.65
N PHE C 62 -33.15 -1.72 -14.53
CA PHE C 62 -31.81 -1.61 -14.00
C PHE C 62 -31.00 -2.80 -14.44
N THR C 63 -29.87 -2.52 -15.11
CA THR C 63 -28.96 -3.55 -15.60
C THR C 63 -27.52 -3.20 -15.30
N GLY C 64 -26.74 -4.26 -15.08
CA GLY C 64 -25.31 -4.17 -14.83
C GLY C 64 -24.54 -5.09 -15.76
N SER C 65 -23.39 -4.63 -16.19
CA SER C 65 -22.51 -5.42 -17.03
C SER C 65 -21.07 -5.13 -16.65
N GLY C 66 -20.14 -5.84 -17.29
CA GLY C 66 -18.73 -5.71 -17.05
C GLY C 66 -18.09 -6.80 -16.22
N SER C 67 -16.76 -6.89 -16.33
CA SER C 67 -15.88 -7.79 -15.61
C SER C 67 -14.47 -7.18 -15.66
N GLY C 68 -13.62 -7.56 -14.71
CA GLY C 68 -12.24 -7.10 -14.65
C GLY C 68 -12.05 -5.72 -14.07
N THR C 69 -11.88 -4.69 -14.93
CA THR C 69 -11.64 -3.33 -14.48
C THR C 69 -12.61 -2.29 -15.07
N GLU C 70 -13.69 -2.73 -15.71
CA GLU C 70 -14.67 -1.81 -16.31
C GLU C 70 -16.05 -2.43 -16.22
N PHE C 71 -16.95 -1.70 -15.54
CA PHE C 71 -18.31 -2.11 -15.22
C PHE C 71 -19.29 -1.00 -15.56
N ILE C 72 -20.34 -1.33 -16.34
CA ILE C 72 -21.39 -0.38 -16.76
C ILE C 72 -22.70 -0.59 -15.98
N PHE C 73 -23.33 0.51 -15.55
CA PHE C 73 -24.63 0.53 -14.92
C PHE C 73 -25.55 1.31 -15.85
N THR C 74 -26.68 0.72 -16.26
CA THR C 74 -27.63 1.34 -17.19
C THR C 74 -29.04 1.36 -16.63
N ILE C 75 -29.81 2.44 -16.96
CA ILE C 75 -31.22 2.60 -16.62
C ILE C 75 -31.99 2.82 -17.92
N SER C 76 -32.80 1.82 -18.31
CA SER C 76 -33.67 1.88 -19.49
C SER C 76 -34.95 2.59 -19.05
N TYR C 77 -35.45 3.50 -19.89
CA TYR C 77 -36.69 4.26 -19.68
C TYR C 77 -36.75 4.93 -18.29
N ALA C 78 -35.67 5.67 -17.93
CA ALA C 78 -35.55 6.39 -16.65
C ALA C 78 -36.76 7.29 -16.37
N GLN C 79 -37.24 7.26 -15.13
CA GLN C 79 -38.40 8.00 -14.68
C GLN C 79 -37.96 9.02 -13.65
N SER C 80 -38.84 10.00 -13.33
CA SER C 80 -38.58 11.04 -12.32
C SER C 80 -38.35 10.35 -10.97
N GLU C 81 -39.07 9.23 -10.77
CA GLU C 81 -39.00 8.33 -9.63
C GLU C 81 -37.59 7.76 -9.40
N ASP C 82 -36.75 7.72 -10.47
CA ASP C 82 -35.37 7.20 -10.46
C ASP C 82 -34.32 8.27 -10.17
N LEU C 83 -34.74 9.53 -9.95
CA LEU C 83 -33.79 10.59 -9.66
C LEU C 83 -33.22 10.36 -8.29
N ALA C 84 -31.91 10.11 -8.28
CA ALA C 84 -31.10 9.78 -7.10
C ALA C 84 -29.61 9.75 -7.48
N ASP C 85 -28.75 9.46 -6.47
CA ASP C 85 -27.32 9.28 -6.64
C ASP C 85 -27.11 7.81 -6.87
N TYR C 86 -26.15 7.46 -7.70
CA TYR C 86 -25.86 6.09 -7.98
C TYR C 86 -24.39 5.85 -7.74
N PHE C 87 -24.06 4.73 -7.09
CA PHE C 87 -22.67 4.41 -6.84
C PHE C 87 -22.39 2.94 -6.93
N CYS C 88 -21.13 2.61 -7.24
CA CYS C 88 -20.54 1.28 -7.35
C CYS C 88 -19.60 1.04 -6.20
N HIS C 89 -19.27 -0.24 -5.95
CA HIS C 89 -18.27 -0.64 -4.99
C HIS C 89 -17.70 -2.02 -5.31
N GLN C 90 -16.39 -2.18 -5.11
CA GLN C 90 -15.73 -3.46 -5.30
C GLN C 90 -15.76 -4.23 -3.96
N TYR C 91 -15.79 -5.54 -4.02
CA TYR C 91 -15.76 -6.30 -2.78
C TYR C 91 -14.81 -7.50 -2.94
N SER C 92 -13.84 -7.35 -3.88
CA SER C 92 -12.78 -8.31 -4.16
C SER C 92 -11.70 -8.25 -3.06
N SER C 93 -11.42 -7.05 -2.55
CA SER C 93 -10.40 -6.89 -1.53
C SER C 93 -10.78 -5.82 -0.52
N TYR C 94 -10.50 -6.11 0.78
CA TYR C 94 -10.64 -5.19 1.90
C TYR C 94 -9.37 -4.31 1.94
N PRO C 95 -9.47 -2.99 2.25
CA PRO C 95 -10.68 -2.25 2.64
C PRO C 95 -11.60 -2.08 1.44
N LEU C 96 -12.90 -2.20 1.69
CA LEU C 96 -13.90 -2.02 0.67
C LEU C 96 -13.81 -0.56 0.16
N THR C 97 -13.87 -0.40 -1.17
CA THR C 97 -13.79 0.94 -1.76
C THR C 97 -15.01 1.21 -2.67
N PHE C 98 -15.49 2.47 -2.64
CA PHE C 98 -16.71 2.89 -3.32
C PHE C 98 -16.46 4.00 -4.31
N GLY C 99 -17.33 4.08 -5.30
CA GLY C 99 -17.31 5.13 -6.30
C GLY C 99 -17.89 6.38 -5.67
N ALA C 100 -17.51 7.55 -6.22
CA ALA C 100 -17.90 8.87 -5.71
C ALA C 100 -19.38 9.18 -5.75
N GLY C 101 -20.10 8.52 -6.65
CA GLY C 101 -21.52 8.74 -6.82
C GLY C 101 -21.78 9.65 -8.01
N THR C 102 -22.89 9.40 -8.69
CA THR C 102 -23.29 10.15 -9.88
C THR C 102 -24.78 10.43 -9.75
N LYS C 103 -25.19 11.71 -9.88
CA LYS C 103 -26.58 12.09 -9.77
C LYS C 103 -27.24 11.99 -11.13
N LEU C 104 -28.41 11.32 -11.19
CA LEU C 104 -29.16 11.21 -12.44
C LEU C 104 -29.81 12.54 -12.74
N GLU C 105 -29.66 13.01 -13.97
CA GLU C 105 -30.28 14.25 -14.43
C GLU C 105 -31.25 13.86 -15.55
N LEU C 106 -32.42 14.50 -15.59
CA LEU C 106 -33.38 14.13 -16.61
C LEU C 106 -33.90 15.31 -17.44
N LYS C 107 -34.05 15.09 -18.75
CA LYS C 107 -34.57 16.11 -19.64
C LYS C 107 -36.07 16.09 -19.55
N ARG C 108 -36.70 17.23 -19.83
CA ARG C 108 -38.13 17.41 -19.65
C ARG C 108 -38.62 18.60 -20.51
N ALA C 109 -39.95 18.78 -20.61
CA ALA C 109 -40.50 19.93 -21.31
C ALA C 109 -40.18 21.17 -20.47
N ASP C 110 -39.95 22.32 -21.12
CA ASP C 110 -39.67 23.55 -20.39
C ASP C 110 -40.95 23.97 -19.69
N ALA C 111 -40.86 24.36 -18.40
CA ALA C 111 -42.00 24.77 -17.59
C ALA C 111 -41.64 26.05 -16.88
N ALA C 112 -42.57 27.01 -16.88
CA ALA C 112 -42.38 28.30 -16.24
C ALA C 112 -42.55 28.21 -14.73
N PRO C 113 -41.78 29.01 -13.93
CA PRO C 113 -41.94 28.97 -12.46
C PRO C 113 -43.24 29.59 -11.97
N THR C 114 -43.64 29.21 -10.74
CA THR C 114 -44.80 29.79 -10.05
C THR C 114 -44.18 30.61 -8.92
N VAL C 115 -44.15 31.93 -9.11
CA VAL C 115 -43.51 32.86 -8.17
C VAL C 115 -44.48 33.39 -7.12
N SER C 116 -44.04 33.41 -5.85
CA SER C 116 -44.83 33.90 -4.71
C SER C 116 -43.91 34.62 -3.74
N ILE C 117 -44.24 35.89 -3.43
CA ILE C 117 -43.45 36.73 -2.53
C ILE C 117 -44.13 36.79 -1.15
N PHE C 118 -43.30 36.85 -0.10
CA PHE C 118 -43.72 36.82 1.30
C PHE C 118 -43.05 37.88 2.10
N PRO C 119 -43.84 38.62 2.88
CA PRO C 119 -43.25 39.65 3.74
C PRO C 119 -42.76 39.07 5.06
N PRO C 120 -41.84 39.76 5.79
CA PRO C 120 -41.39 39.26 7.09
C PRO C 120 -42.54 39.18 8.10
N SER C 121 -42.54 38.12 8.91
CA SER C 121 -43.56 37.92 9.94
C SER C 121 -43.26 38.84 11.12
N SER C 122 -44.33 39.32 11.78
CA SER C 122 -44.25 40.15 12.97
C SER C 122 -43.29 39.52 14.01
N GLU C 123 -43.33 38.17 14.12
CA GLU C 123 -42.48 37.38 15.02
C GLU C 123 -41.01 37.60 14.71
N GLN C 124 -40.62 37.66 13.41
CA GLN C 124 -39.21 37.85 13.04
C GLN C 124 -38.77 39.28 13.24
N LEU C 125 -39.68 40.20 12.93
CA LEU C 125 -39.52 41.63 13.04
C LEU C 125 -39.24 42.06 14.48
N THR C 126 -39.99 41.49 15.47
CA THR C 126 -39.85 41.78 16.92
C THR C 126 -38.46 41.36 17.41
N SER C 127 -37.90 40.34 16.76
CA SER C 127 -36.60 39.77 17.07
C SER C 127 -35.47 40.55 16.39
N GLY C 128 -35.83 41.59 15.64
CA GLY C 128 -34.90 42.48 14.96
C GLY C 128 -34.30 42.01 13.64
N GLY C 129 -35.09 41.28 12.85
CA GLY C 129 -34.65 40.80 11.56
C GLY C 129 -35.78 40.86 10.56
N ALA C 130 -35.45 40.81 9.27
CA ALA C 130 -36.47 40.87 8.20
C ALA C 130 -36.04 40.06 6.97
N SER C 131 -36.67 38.90 6.78
CA SER C 131 -36.41 38.01 5.66
C SER C 131 -37.58 38.07 4.66
N VAL C 132 -37.33 38.63 3.47
CA VAL C 132 -38.33 38.69 2.41
C VAL C 132 -38.13 37.42 1.56
N VAL C 133 -39.14 36.53 1.56
CA VAL C 133 -39.04 35.23 0.89
C VAL C 133 -39.79 35.14 -0.44
N CYS C 134 -39.11 34.62 -1.47
CA CYS C 134 -39.68 34.36 -2.79
C CYS C 134 -39.55 32.87 -3.10
N PHE C 135 -40.64 32.22 -3.55
CA PHE C 135 -40.56 30.82 -3.95
C PHE C 135 -40.79 30.77 -5.45
N LEU C 136 -39.83 30.20 -6.17
CA LEU C 136 -39.86 30.02 -7.61
C LEU C 136 -40.01 28.51 -7.84
N ASN C 137 -41.27 28.03 -7.82
CA ASN C 137 -41.60 26.60 -7.82
C ASN C 137 -41.97 25.96 -9.15
N ASN C 138 -41.55 24.69 -9.29
CA ASN C 138 -41.82 23.76 -10.39
C ASN C 138 -41.51 24.32 -11.79
N PHE C 139 -40.27 24.78 -11.98
CA PHE C 139 -39.76 25.29 -13.25
C PHE C 139 -38.77 24.33 -13.90
N TYR C 140 -38.57 24.45 -15.21
CA TYR C 140 -37.62 23.66 -15.97
C TYR C 140 -37.23 24.38 -17.30
N PRO C 141 -35.93 24.46 -17.70
CA PRO C 141 -34.72 23.95 -17.01
C PRO C 141 -34.33 24.66 -15.71
N LYS C 142 -33.28 24.14 -15.04
CA LYS C 142 -32.73 24.63 -13.75
C LYS C 142 -32.31 26.09 -13.78
N ASP C 143 -31.75 26.56 -14.91
CA ASP C 143 -31.26 27.93 -15.02
C ASP C 143 -32.36 28.98 -14.88
N ILE C 144 -32.20 29.83 -13.87
CA ILE C 144 -33.10 30.93 -13.53
C ILE C 144 -32.29 32.06 -12.91
N ASN C 145 -32.77 33.29 -13.06
CA ASN C 145 -32.16 34.46 -12.45
C ASN C 145 -33.22 35.18 -11.63
N VAL C 146 -32.89 35.55 -10.38
CA VAL C 146 -33.76 36.32 -9.47
C VAL C 146 -33.12 37.70 -9.26
N LYS C 147 -33.94 38.74 -9.35
CA LYS C 147 -33.55 40.13 -9.16
C LYS C 147 -34.42 40.73 -8.07
N TRP C 148 -33.81 41.30 -7.01
CA TRP C 148 -34.53 41.96 -5.92
C TRP C 148 -34.53 43.44 -6.12
N LYS C 149 -35.67 44.08 -5.86
CA LYS C 149 -35.82 45.52 -5.97
C LYS C 149 -36.42 46.05 -4.68
N ILE C 150 -35.76 47.06 -4.07
CA ILE C 150 -36.21 47.72 -2.86
C ILE C 150 -36.53 49.14 -3.22
N ASP C 151 -37.83 49.44 -3.29
CA ASP C 151 -38.36 50.75 -3.71
C ASP C 151 -37.84 51.06 -5.11
N GLY C 152 -37.99 50.09 -6.02
CA GLY C 152 -37.56 50.20 -7.41
C GLY C 152 -36.08 50.04 -7.71
N SER C 153 -35.21 50.09 -6.67
CA SER C 153 -33.76 49.99 -6.83
C SER C 153 -33.23 48.60 -6.53
N GLU C 154 -32.41 48.07 -7.45
CA GLU C 154 -31.82 46.75 -7.34
C GLU C 154 -30.92 46.59 -6.12
N ARG C 155 -31.12 45.47 -5.43
CA ARG C 155 -30.37 45.07 -4.24
C ARG C 155 -29.54 43.85 -4.60
N GLN C 156 -28.24 43.87 -4.27
CA GLN C 156 -27.36 42.76 -4.65
C GLN C 156 -26.87 41.88 -3.45
N ASN C 157 -26.54 42.52 -2.30
CA ASN C 157 -26.05 41.85 -1.08
C ASN C 157 -27.18 41.47 -0.08
N GLY C 158 -27.00 40.36 0.63
CA GLY C 158 -27.97 39.86 1.60
C GLY C 158 -29.05 38.96 1.02
N VAL C 159 -28.81 38.38 -0.17
CA VAL C 159 -29.73 37.49 -0.90
C VAL C 159 -29.15 36.07 -0.91
N LEU C 160 -29.97 35.08 -0.53
CA LEU C 160 -29.54 33.68 -0.46
C LEU C 160 -30.47 32.80 -1.29
N ASN C 161 -29.88 32.07 -2.27
CA ASN C 161 -30.64 31.21 -3.17
C ASN C 161 -30.43 29.72 -2.90
N SER C 162 -31.53 28.97 -2.76
CA SER C 162 -31.46 27.54 -2.48
C SER C 162 -32.31 26.71 -3.43
N TRP C 163 -31.68 26.06 -4.41
CA TRP C 163 -32.36 25.17 -5.34
C TRP C 163 -32.65 23.84 -4.67
N THR C 164 -33.66 23.12 -5.13
CA THR C 164 -33.92 21.79 -4.64
C THR C 164 -33.32 20.84 -5.65
N ASP C 165 -33.18 19.57 -5.28
CA ASP C 165 -32.75 18.57 -6.22
C ASP C 165 -33.93 18.38 -7.17
N GLN C 166 -33.66 17.98 -8.41
CA GLN C 166 -34.67 17.75 -9.44
C GLN C 166 -35.81 16.87 -8.85
N ASP C 167 -37.08 17.30 -9.03
CA ASP C 167 -38.27 16.65 -8.48
C ASP C 167 -38.47 15.18 -8.87
N SER C 168 -38.77 14.32 -7.88
CA SER C 168 -39.03 12.88 -8.05
C SER C 168 -40.39 12.63 -8.69
N LYS C 169 -41.28 13.64 -8.64
CA LYS C 169 -42.64 13.60 -9.16
C LYS C 169 -42.69 14.01 -10.62
N ASP C 170 -42.14 15.22 -10.94
CA ASP C 170 -42.22 15.80 -12.28
C ASP C 170 -40.92 16.29 -12.92
N SER C 171 -39.75 15.93 -12.36
CA SER C 171 -38.41 16.30 -12.90
C SER C 171 -38.20 17.83 -13.04
N THR C 172 -38.96 18.63 -12.28
CA THR C 172 -38.82 20.09 -12.29
C THR C 172 -37.92 20.54 -11.15
N TYR C 173 -37.56 21.81 -11.09
CA TYR C 173 -36.75 22.34 -10.01
C TYR C 173 -37.57 23.40 -9.26
N SER C 174 -37.21 23.64 -8.01
CA SER C 174 -37.81 24.69 -7.21
C SER C 174 -36.68 25.39 -6.51
N MET C 175 -36.79 26.71 -6.41
CA MET C 175 -35.74 27.50 -5.81
C MET C 175 -36.32 28.58 -4.92
N SER C 176 -35.77 28.75 -3.69
CA SER C 176 -36.16 29.82 -2.76
C SER C 176 -35.12 30.95 -2.77
N SER C 177 -35.58 32.21 -2.86
CA SER C 177 -34.74 33.40 -2.82
C SER C 177 -35.11 34.19 -1.58
N THR C 178 -34.15 34.34 -0.64
CA THR C 178 -34.43 35.05 0.61
C THR C 178 -33.53 36.25 0.82
N LEU C 179 -34.16 37.45 0.76
CA LEU C 179 -33.50 38.72 1.04
C LEU C 179 -33.61 38.98 2.56
N THR C 180 -32.48 38.90 3.27
CA THR C 180 -32.45 39.10 4.71
C THR C 180 -31.82 40.44 4.98
N LEU C 181 -32.52 41.29 5.75
CA LEU C 181 -32.10 42.62 6.17
C LEU C 181 -32.36 42.74 7.67
N THR C 182 -31.75 43.75 8.33
CA THR C 182 -32.04 43.99 9.74
C THR C 182 -33.38 44.70 9.80
N LYS C 183 -34.11 44.58 10.93
CA LYS C 183 -35.40 45.25 11.11
C LYS C 183 -35.28 46.76 10.81
N ASP C 184 -34.19 47.39 11.30
CA ASP C 184 -33.95 48.82 11.10
C ASP C 184 -33.81 49.20 9.61
N GLU C 185 -33.10 48.38 8.83
CA GLU C 185 -32.90 48.51 7.37
C GLU C 185 -34.26 48.36 6.60
N TYR C 186 -35.07 47.33 6.97
CA TYR C 186 -36.37 47.01 6.36
C TYR C 186 -37.36 48.16 6.52
N GLU C 187 -37.48 48.71 7.75
CA GLU C 187 -38.38 49.81 8.08
C GLU C 187 -38.22 51.02 7.16
N ARG C 188 -36.99 51.24 6.66
CA ARG C 188 -36.60 52.36 5.79
C ARG C 188 -37.22 52.35 4.38
N HIS C 189 -37.78 51.20 3.94
CA HIS C 189 -38.36 51.05 2.60
C HIS C 189 -39.76 50.46 2.62
N ASN C 190 -40.61 50.80 1.62
CA ASN C 190 -42.01 50.37 1.59
C ASN C 190 -42.38 49.31 0.56
N SER C 191 -41.70 49.28 -0.60
CA SER C 191 -42.01 48.27 -1.61
C SER C 191 -40.85 47.30 -1.88
N TYR C 192 -41.12 45.99 -1.70
CA TYR C 192 -40.17 44.92 -1.96
C TYR C 192 -40.63 44.13 -3.16
N THR C 193 -39.76 44.00 -4.17
CA THR C 193 -40.02 43.33 -5.44
C THR C 193 -39.01 42.22 -5.72
N CYS C 194 -39.49 41.15 -6.30
CA CYS C 194 -38.71 39.98 -6.66
C CYS C 194 -39.11 39.59 -8.11
N GLU C 195 -38.12 39.65 -9.03
CA GLU C 195 -38.30 39.42 -10.47
C GLU C 195 -37.58 38.17 -10.97
N ALA C 196 -38.37 37.18 -11.42
CA ALA C 196 -37.88 35.91 -11.94
C ALA C 196 -37.77 35.91 -13.45
N THR C 197 -36.54 35.70 -13.96
CA THR C 197 -36.21 35.64 -15.39
C THR C 197 -35.88 34.20 -15.78
N HIS C 198 -36.79 33.57 -16.52
CA HIS C 198 -36.65 32.19 -16.98
C HIS C 198 -36.75 32.08 -18.52
N LYS C 199 -36.17 31.01 -19.10
CA LYS C 199 -36.15 30.70 -20.54
C LYS C 199 -37.56 30.63 -21.18
N THR C 200 -38.60 30.36 -20.38
CA THR C 200 -40.00 30.18 -20.79
C THR C 200 -40.71 31.46 -21.29
N SER C 201 -40.27 32.63 -20.84
CA SER C 201 -40.84 33.94 -21.22
C SER C 201 -39.74 34.97 -21.39
N THR C 202 -39.93 35.89 -22.34
CA THR C 202 -39.01 36.99 -22.63
C THR C 202 -39.09 38.01 -21.48
N SER C 203 -40.32 38.23 -20.98
CA SER C 203 -40.67 39.16 -19.90
C SER C 203 -40.63 38.48 -18.53
N PRO C 204 -39.88 39.04 -17.54
CA PRO C 204 -39.80 38.39 -16.22
C PRO C 204 -41.08 38.38 -15.41
N ILE C 205 -41.24 37.35 -14.56
CA ILE C 205 -42.39 37.26 -13.64
C ILE C 205 -42.07 38.19 -12.47
N VAL C 206 -42.94 39.18 -12.22
CA VAL C 206 -42.75 40.16 -11.16
C VAL C 206 -43.77 39.96 -10.03
N LYS C 207 -43.26 39.76 -8.82
CA LYS C 207 -44.05 39.61 -7.61
C LYS C 207 -43.57 40.64 -6.58
N SER C 208 -44.49 41.45 -6.09
CA SER C 208 -44.16 42.50 -5.14
C SER C 208 -45.24 42.74 -4.11
N PHE C 209 -44.87 43.43 -3.04
CA PHE C 209 -45.75 43.84 -1.97
C PHE C 209 -45.39 45.25 -1.49
N ASN C 210 -46.38 45.96 -0.95
CA ASN C 210 -46.22 47.30 -0.41
C ASN C 210 -46.71 47.28 1.03
N ARG C 211 -45.79 47.49 1.98
CA ARG C 211 -46.06 47.50 3.41
C ARG C 211 -47.28 48.34 3.79
N ASN C 212 -47.43 49.51 3.10
CA ASN C 212 -48.47 50.53 3.23
C ASN C 212 -49.88 50.12 2.74
N GLU C 213 -49.98 49.05 1.95
CA GLU C 213 -51.27 48.53 1.50
C GLU C 213 -51.72 47.57 2.60
N CYS C 214 -52.93 47.79 3.18
CA CYS C 214 -53.59 46.97 4.21
C CYS C 214 -52.70 46.66 5.42
C ACE D 1 31.70 -36.62 -2.16
O ACE D 1 31.84 -37.77 -1.75
CH3 ACE D 1 30.55 -35.75 -1.62
N MET D 2 32.49 -36.06 -3.08
CA MET D 2 33.65 -36.73 -3.68
C MET D 2 34.93 -36.46 -2.87
N GLU D 3 36.07 -36.93 -3.40
CA GLU D 3 37.37 -36.72 -2.78
C GLU D 3 38.03 -35.48 -3.39
N SER D 4 38.79 -34.73 -2.57
CA SER D 4 39.48 -33.52 -3.03
C SER D 4 40.69 -33.86 -3.90
N PHE D 5 40.70 -33.36 -5.14
CA PHE D 5 41.79 -33.58 -6.09
C PHE D 5 41.88 -32.36 -7.00
N PRO D 6 43.01 -32.08 -7.67
CA PRO D 6 43.07 -30.90 -8.55
C PRO D 6 42.01 -30.94 -9.64
N GLY D 7 41.19 -29.90 -9.63
CA GLY D 7 40.09 -29.74 -10.57
C GLY D 7 38.74 -30.29 -10.13
N TRP D 8 38.62 -30.82 -8.88
CA TRP D 8 37.35 -31.34 -8.34
C TRP D 8 36.24 -30.30 -8.46
N ASN D 9 36.63 -29.02 -8.25
CA ASN D 9 35.77 -27.84 -8.34
C ASN D 9 35.14 -27.73 -9.72
N LEU D 10 35.91 -28.05 -10.79
CA LEU D 10 35.47 -27.98 -12.17
C LEU D 10 34.48 -29.08 -12.52
N VAL D 11 34.51 -30.21 -11.78
CA VAL D 11 33.54 -31.25 -12.06
C VAL D 11 32.31 -31.00 -11.18
N HRG D 12 32.53 -30.42 -9.99
CA HRG D 12 31.45 -30.11 -9.06
CB HRG D 12 32.01 -29.63 -7.71
CG HRG D 12 30.05 -30.41 -6.26
CG' HRG D 12 30.90 -29.23 -6.73
CD HRG D 12 28.81 -29.89 -5.55
NE HRG D 12 28.00 -30.94 -4.92
CZ HRG D 12 27.15 -31.72 -5.59
NH1 HRG D 12 26.66 -31.36 -6.78
NH2 HRG D 12 26.82 -32.83 -5.09
C HRG D 12 30.46 -29.15 -9.68
O HRG D 12 29.26 -29.36 -9.57
N ILE D 13 30.96 -28.12 -10.38
CA ILE D 13 30.14 -27.13 -11.05
C ILE D 13 29.67 -27.61 -12.43
N GLY D 14 30.03 -28.85 -12.77
CA GLY D 14 29.64 -29.49 -14.02
C GLY D 14 30.33 -29.00 -15.28
N LEU D 15 31.52 -28.40 -15.16
CA LEU D 15 32.28 -27.93 -16.32
C LEU D 15 32.95 -29.14 -16.97
N LEU D 16 33.57 -30.02 -16.16
CA LEU D 16 34.26 -31.21 -16.63
C LEU D 16 33.54 -32.48 -16.20
N ARG D 17 33.61 -33.52 -17.05
CA ARG D 17 32.99 -34.82 -16.81
C ARG D 17 33.92 -35.71 -15.98
NA NA E . 46.49 25.01 12.90
NA NA F . 23.44 -10.76 -0.31
#